data_5N47
#
_entry.id   5N47
#
_cell.length_a   135.148
_cell.length_b   135.148
_cell.length_c   203.939
_cell.angle_alpha   90.000
_cell.angle_beta   90.000
_cell.angle_gamma   90.000
#
_symmetry.space_group_name_H-M   'P 41 21 2'
#
loop_
_entity.id
_entity.type
_entity.pdbx_description
1 polymer 'Neutrophil gelatinase-associated lipocalin'
2 polymer Fibronectin
#
loop_
_entity_poly.entity_id
_entity_poly.type
_entity_poly.pdbx_seq_one_letter_code
_entity_poly.pdbx_strand_id
1 'polypeptide(L)'
;QDSTSDLIPAPPLSKVPLQQNFQDNQFHGKWYVVGEAGNSLLREDKDPRKMYATIYELKEDKSYNVTSVRFRSKKCHYLI
RTFVPGSQPGEFTLGLIKSKPGHTSFLVRVVSTNYNQHAMVFFKTVAQNREYFFITLYGRTKELTSELKENFIRFSKSLG
LPENHIVFPVPIDQCIDGSAWSHPQFEK
;
A,C,E
2 'polypeptide(L)'
;PLSPPTNLHLEANPDTGVLTVSWERSTTPDITGYRITTTPTNGQQGNSLEEVVHADQSSCTFDNLSPGLEYNVSVYTVKD
DKESVPISDTIIPEVPQLTDLSFVDITDSSIGLRWTPLNSSTIIGYRITVVAAGEGIPIFEDFVDSSVGYYTVTGLEPGI
DYDISVITLINGGESAPTTLTQQTAVPPPTDLRFTNIGPDTMRVTWAPPPSIDLTNFLVRYSPVKNEEDVAELSISPSDN
AVVLTNLLPGTEYVVSVSSVYEQHESTPLRGRQKTGSAHHHHHH
;
B,D,F
#
# COMPACT_ATOMS: atom_id res chain seq x y z
N SER A 3 -3.89 42.90 15.70
CA SER A 3 -4.81 42.48 16.80
C SER A 3 -5.34 43.65 17.68
N THR A 4 -4.74 44.84 17.56
CA THR A 4 -5.25 46.08 18.19
C THR A 4 -5.86 47.10 17.21
N SER A 5 -5.82 46.78 15.91
CA SER A 5 -6.30 47.69 14.88
C SER A 5 -7.80 47.81 14.95
N ASP A 6 -8.33 48.87 14.37
CA ASP A 6 -9.74 49.16 14.49
C ASP A 6 -10.60 48.12 13.76
N LEU A 7 -11.86 47.97 14.17
CA LEU A 7 -12.77 46.97 13.60
C LEU A 7 -14.14 47.57 13.36
N ILE A 8 -14.79 47.16 12.28
CA ILE A 8 -16.13 47.66 12.00
C ILE A 8 -17.08 46.98 13.00
N PRO A 9 -17.90 47.77 13.71
CA PRO A 9 -18.73 47.18 14.76
C PRO A 9 -19.70 46.12 14.26
N ALA A 10 -19.85 45.07 15.04
CA ALA A 10 -20.81 44.03 14.74
C ALA A 10 -22.15 44.67 14.84
N PRO A 11 -23.07 44.28 13.98
CA PRO A 11 -24.35 44.96 13.96
C PRO A 11 -25.23 44.45 15.07
N PRO A 12 -26.23 45.23 15.47
CA PRO A 12 -27.23 44.71 16.39
C PRO A 12 -27.99 43.53 15.77
N LEU A 13 -28.46 42.63 16.61
CA LEU A 13 -29.24 41.48 16.14
C LEU A 13 -30.60 41.90 15.56
N SER A 14 -31.06 43.12 15.88
CA SER A 14 -32.19 43.74 15.17
C SER A 14 -32.00 43.89 13.66
N LYS A 15 -30.75 43.83 13.18
CA LYS A 15 -30.43 43.91 11.76
C LYS A 15 -30.13 42.59 11.10
N VAL A 16 -30.19 41.49 11.85
CA VAL A 16 -29.84 40.16 11.36
C VAL A 16 -31.05 39.25 11.55
N PRO A 17 -32.11 39.46 10.74
CA PRO A 17 -33.31 38.70 10.95
C PRO A 17 -33.10 37.27 10.54
N LEU A 18 -34.00 36.40 11.01
CA LEU A 18 -33.95 34.98 10.73
C LEU A 18 -34.86 34.68 9.57
N GLN A 19 -34.58 33.58 8.88
CA GLN A 19 -35.52 33.02 7.93
C GLN A 19 -36.83 32.68 8.67
N GLN A 20 -37.94 33.17 8.15
CA GLN A 20 -39.23 32.90 8.78
C GLN A 20 -39.62 31.45 8.56
N ASN A 21 -40.32 30.86 9.53
CA ASN A 21 -40.75 29.45 9.46
C ASN A 21 -39.61 28.55 9.00
N PHE A 22 -38.48 28.66 9.68
CA PHE A 22 -37.27 27.96 9.26
C PHE A 22 -37.46 26.47 9.46
N GLN A 23 -37.02 25.70 8.46
CA GLN A 23 -37.23 24.25 8.38
C GLN A 23 -35.90 23.53 8.40
N ASP A 24 -35.53 23.00 9.57
CA ASP A 24 -34.24 22.34 9.72
C ASP A 24 -34.06 21.15 8.79
N ASN A 25 -35.15 20.41 8.53
CA ASN A 25 -35.07 19.28 7.61
C ASN A 25 -34.86 19.69 6.13
N GLN A 26 -35.42 20.80 5.68
CA GLN A 26 -35.17 21.27 4.32
C GLN A 26 -33.79 21.87 4.15
N PHE A 27 -33.20 22.37 5.23
CA PHE A 27 -31.89 23.03 5.18
C PHE A 27 -30.72 22.06 5.16
N HIS A 28 -30.96 20.80 5.49
CA HIS A 28 -29.87 19.82 5.60
C HIS A 28 -29.24 19.52 4.23
N GLY A 29 -28.06 18.87 4.25
CA GLY A 29 -27.42 18.43 3.03
C GLY A 29 -26.24 19.30 2.75
N LYS A 30 -25.71 19.24 1.53
CA LYS A 30 -24.44 19.90 1.17
C LYS A 30 -24.66 21.28 0.61
N TRP A 31 -23.83 22.24 1.02
CA TRP A 31 -23.82 23.61 0.49
C TRP A 31 -22.40 24.02 0.09
N TYR A 32 -22.28 24.65 -1.09
CA TYR A 32 -21.04 25.27 -1.52
C TYR A 32 -21.02 26.73 -1.06
N VAL A 33 -19.85 27.21 -0.65
CA VAL A 33 -19.71 28.57 -0.16
C VAL A 33 -19.30 29.45 -1.33
N VAL A 34 -20.28 30.15 -1.91
CA VAL A 34 -20.12 30.90 -3.15
C VAL A 34 -19.61 32.29 -2.91
N GLY A 35 -19.98 32.86 -1.76
CA GLY A 35 -19.55 34.19 -1.36
C GLY A 35 -19.28 34.29 0.13
N GLU A 36 -18.39 35.22 0.51
CA GLU A 36 -18.04 35.44 1.90
C GLU A 36 -17.82 36.96 2.19
N ALA A 37 -18.20 37.38 3.39
CA ALA A 37 -17.98 38.76 3.83
C ALA A 37 -17.76 38.77 5.31
N GLY A 38 -17.01 39.77 5.77
CA GLY A 38 -16.71 39.89 7.19
C GLY A 38 -15.89 41.11 7.53
N ASN A 39 -15.92 41.52 8.81
CA ASN A 39 -15.24 42.75 9.23
C ASN A 39 -13.74 42.60 9.42
N SER A 40 -13.24 41.37 9.42
CA SER A 40 -11.82 41.08 9.42
C SER A 40 -11.38 40.47 8.11
N LEU A 41 -12.27 40.39 7.12
CA LEU A 41 -11.98 39.71 5.87
C LEU A 41 -11.60 40.73 4.83
N LEU A 42 -10.41 40.55 4.24
CA LEU A 42 -9.86 41.48 3.26
C LEU A 42 -9.58 40.75 1.96
N ARG A 43 -10.02 41.31 0.83
CA ARG A 43 -9.80 40.66 -0.45
C ARG A 43 -8.32 40.78 -0.84
N GLU A 44 -7.71 39.64 -1.15
CA GLU A 44 -6.30 39.53 -1.46
C GLU A 44 -6.11 38.75 -2.77
N ASP A 45 -5.85 39.46 -3.86
CA ASP A 45 -5.82 38.88 -5.21
C ASP A 45 -4.48 38.22 -5.57
N LYS A 46 -3.46 38.38 -4.71
CA LYS A 46 -2.19 37.66 -4.84
C LYS A 46 -2.31 36.19 -4.44
N ASP A 47 -3.15 35.90 -3.45
CA ASP A 47 -3.46 34.52 -3.09
C ASP A 47 -4.89 34.38 -2.56
N PRO A 48 -5.88 34.22 -3.48
CA PRO A 48 -7.28 34.28 -3.05
C PRO A 48 -7.77 33.12 -2.17
N ARG A 49 -8.92 33.33 -1.55
CA ARG A 49 -9.57 32.32 -0.74
C ARG A 49 -10.27 31.40 -1.73
N LYS A 50 -10.23 30.10 -1.47
CA LYS A 50 -10.80 29.10 -2.36
C LYS A 50 -12.15 28.69 -1.83
N MET A 51 -12.97 28.16 -2.71
CA MET A 51 -14.28 27.64 -2.34
C MET A 51 -14.11 26.36 -1.53
N TYR A 52 -15.08 26.16 -0.63
CA TYR A 52 -15.17 24.98 0.20
C TYR A 52 -16.65 24.61 0.33
N ALA A 53 -16.93 23.43 0.88
CA ALA A 53 -18.29 22.99 1.09
C ALA A 53 -18.51 22.68 2.55
N THR A 54 -19.73 22.91 3.03
CA THR A 54 -20.20 22.39 4.32
C THR A 54 -21.32 21.42 4.08
N ILE A 55 -21.43 20.44 4.96
CA ILE A 55 -22.50 19.44 4.92
C ILE A 55 -23.20 19.48 6.26
N TYR A 56 -24.44 19.95 6.27
CA TYR A 56 -25.25 20.03 7.48
C TYR A 56 -26.11 18.77 7.60
N GLU A 57 -25.77 17.87 8.52
CA GLU A 57 -26.53 16.65 8.80
C GLU A 57 -27.39 16.78 10.04
N LEU A 58 -28.70 16.71 9.88
CA LEU A 58 -29.62 16.87 10.99
C LEU A 58 -29.70 15.63 11.86
N LYS A 59 -29.40 15.80 13.14
CA LYS A 59 -29.43 14.70 14.12
C LYS A 59 -30.81 14.51 14.76
N GLU A 60 -30.96 13.43 15.51
CA GLU A 60 -32.20 13.18 16.24
C GLU A 60 -32.39 14.27 17.31
N ASP A 61 -31.29 14.66 17.97
CA ASP A 61 -31.17 15.90 18.80
C ASP A 61 -31.93 17.15 18.36
N LYS A 62 -32.02 17.37 17.04
CA LYS A 62 -32.45 18.61 16.36
C LYS A 62 -31.26 19.55 16.10
N SER A 63 -30.05 19.14 16.50
CA SER A 63 -28.82 19.88 16.23
C SER A 63 -28.23 19.38 14.94
N TYR A 64 -27.26 20.10 14.39
CA TYR A 64 -26.60 19.72 13.16
C TYR A 64 -25.19 19.27 13.42
N ASN A 65 -24.78 18.27 12.67
CA ASN A 65 -23.41 17.83 12.63
C ASN A 65 -22.88 18.41 11.34
N VAL A 66 -22.22 19.58 11.44
CA VAL A 66 -21.73 20.34 10.28
C VAL A 66 -20.28 19.98 9.99
N THR A 67 -20.02 19.50 8.77
CA THR A 67 -18.70 19.08 8.29
C THR A 67 -18.23 20.10 7.26
N SER A 68 -17.00 20.60 7.38
CA SER A 68 -16.42 21.47 6.36
C SER A 68 -15.38 20.68 5.60
N VAL A 69 -15.37 20.82 4.28
CA VAL A 69 -14.41 20.14 3.42
C VAL A 69 -13.63 21.22 2.65
N ARG A 70 -12.31 21.25 2.81
CA ARG A 70 -11.45 22.29 2.21
C ARG A 70 -10.25 21.70 1.56
N PHE A 71 -9.78 22.35 0.50
CA PHE A 71 -8.56 21.91 -0.20
C PHE A 71 -7.48 22.82 0.33
N ARG A 72 -6.43 22.25 0.90
CA ARG A 72 -5.45 23.02 1.64
C ARG A 72 -4.16 22.24 1.80
N SER A 73 -3.05 22.81 1.39
CA SER A 73 -1.75 22.17 1.50
C SER A 73 -1.74 20.84 0.77
N LYS A 74 -2.37 20.84 -0.41
CA LYS A 74 -2.39 19.71 -1.34
C LYS A 74 -3.10 18.47 -0.84
N LYS A 75 -4.01 18.66 0.11
CA LYS A 75 -4.75 17.58 0.74
C LYS A 75 -6.14 18.02 1.06
N CYS A 76 -7.06 17.08 1.21
CA CYS A 76 -8.42 17.43 1.63
C CYS A 76 -8.42 17.50 3.13
N HIS A 77 -9.08 18.54 3.63
CA HIS A 77 -9.14 18.78 5.02
C HIS A 77 -10.58 18.75 5.48
N TYR A 78 -10.85 17.99 6.56
CA TYR A 78 -12.20 17.80 7.11
C TYR A 78 -12.29 18.24 8.58
N LEU A 79 -13.17 19.19 8.87
CA LEU A 79 -13.56 19.54 10.24
C LEU A 79 -15.02 19.13 10.49
N ILE A 80 -15.34 18.73 11.72
CA ILE A 80 -16.73 18.45 12.14
C ILE A 80 -17.06 19.27 13.38
N ARG A 81 -18.18 19.99 13.36
CA ARG A 81 -18.65 20.77 14.52
C ARG A 81 -20.11 20.43 14.80
N THR A 82 -20.57 20.66 16.02
CA THR A 82 -21.98 20.53 16.37
C THR A 82 -22.65 21.90 16.50
N PHE A 83 -23.61 22.20 15.64
CA PHE A 83 -24.43 23.41 15.81
C PHE A 83 -25.61 23.07 16.72
N VAL A 84 -25.62 23.56 17.96
CA VAL A 84 -26.77 23.38 18.86
C VAL A 84 -27.80 24.47 18.60
N PRO A 85 -29.11 24.14 18.55
CA PRO A 85 -30.13 25.19 18.30
C PRO A 85 -30.36 26.13 19.48
N GLY A 86 -30.49 27.42 19.16
CA GLY A 86 -30.74 28.47 20.13
C GLY A 86 -32.22 28.74 20.37
N SER A 87 -32.54 30.01 20.56
CA SER A 87 -33.87 30.44 21.04
C SER A 87 -34.96 30.44 19.97
N GLN A 88 -34.55 30.71 18.73
CA GLN A 88 -35.48 30.77 17.61
C GLN A 88 -35.03 29.91 16.47
N PRO A 89 -35.98 29.28 15.74
CA PRO A 89 -35.57 28.44 14.64
C PRO A 89 -34.71 29.18 13.60
N GLY A 90 -33.50 28.66 13.35
CA GLY A 90 -32.55 29.28 12.44
C GLY A 90 -31.34 29.85 13.16
N GLU A 91 -31.38 29.89 14.48
CA GLU A 91 -30.28 30.35 15.31
C GLU A 91 -29.56 29.16 15.92
N PHE A 92 -28.24 29.18 15.96
CA PHE A 92 -27.46 28.10 16.58
C PHE A 92 -26.30 28.64 17.38
N THR A 93 -25.87 27.89 18.40
CA THR A 93 -24.67 28.22 19.16
C THR A 93 -23.60 27.18 18.97
N LEU A 94 -22.35 27.58 19.16
CA LEU A 94 -21.25 26.65 19.36
C LEU A 94 -20.49 27.08 20.63
N GLY A 95 -19.75 26.16 21.23
CA GLY A 95 -18.97 26.42 22.44
C GLY A 95 -19.74 25.95 23.65
N LEU A 96 -19.30 26.35 24.83
CA LEU A 96 -19.86 25.83 26.07
C LEU A 96 -20.79 26.82 26.76
N ILE A 97 -20.86 28.05 26.25
CA ILE A 97 -21.70 29.09 26.83
C ILE A 97 -22.95 29.13 25.97
N LYS A 98 -24.09 28.84 26.59
CA LYS A 98 -25.37 28.67 25.90
C LYS A 98 -26.55 29.36 26.60
N SER A 99 -26.79 29.03 27.87
CA SER A 99 -27.89 29.65 28.67
C SER A 99 -27.45 30.97 29.34
N LYS A 100 -27.05 31.92 28.51
CA LYS A 100 -26.63 33.27 28.90
C LYS A 100 -26.51 34.07 27.61
N PRO A 101 -27.64 34.64 27.11
CA PRO A 101 -27.62 35.30 25.79
C PRO A 101 -26.78 36.57 25.76
N GLY A 102 -26.03 36.76 24.68
CA GLY A 102 -25.12 37.92 24.55
C GLY A 102 -23.81 37.84 25.34
N HIS A 103 -23.46 36.64 25.80
CA HIS A 103 -22.10 36.31 26.22
C HIS A 103 -21.66 35.03 25.49
N THR A 104 -22.25 34.80 24.31
CA THR A 104 -22.04 33.57 23.56
C THR A 104 -20.71 33.54 22.84
N SER A 105 -20.06 32.39 22.91
CA SER A 105 -18.77 32.17 22.29
C SER A 105 -18.85 32.35 20.77
N PHE A 106 -19.82 31.66 20.15
CA PHE A 106 -19.93 31.61 18.71
C PHE A 106 -21.39 31.36 18.36
N LEU A 107 -21.94 32.17 17.46
CA LEU A 107 -23.38 32.24 17.22
C LEU A 107 -23.65 32.19 15.73
N VAL A 108 -24.70 31.48 15.31
CA VAL A 108 -25.06 31.35 13.88
C VAL A 108 -26.51 31.76 13.68
N ARG A 109 -26.81 32.44 12.58
CA ARG A 109 -28.16 32.79 12.21
C ARG A 109 -28.34 32.66 10.72
N VAL A 110 -29.30 31.82 10.32
CA VAL A 110 -29.69 31.69 8.92
C VAL A 110 -30.63 32.84 8.57
N VAL A 111 -30.21 33.70 7.65
CA VAL A 111 -30.91 34.94 7.42
C VAL A 111 -31.98 34.79 6.37
N SER A 112 -31.65 34.16 5.25
CA SER A 112 -32.67 33.76 4.28
C SER A 112 -32.21 32.57 3.47
N THR A 113 -33.16 31.77 3.00
CA THR A 113 -32.87 30.60 2.20
C THR A 113 -34.13 30.12 1.50
N ASN A 114 -33.98 29.54 0.31
CA ASN A 114 -35.08 28.83 -0.34
C ASN A 114 -34.79 27.33 -0.40
N TYR A 115 -33.88 26.88 0.46
CA TYR A 115 -33.59 25.47 0.69
C TYR A 115 -32.97 24.70 -0.47
N ASN A 116 -33.46 24.86 -1.69
CA ASN A 116 -32.96 24.08 -2.83
C ASN A 116 -31.95 24.77 -3.77
N GLN A 117 -31.64 26.05 -3.52
CA GLN A 117 -30.73 26.82 -4.37
C GLN A 117 -29.69 27.64 -3.56
N HIS A 118 -30.12 28.39 -2.54
CA HIS A 118 -29.24 29.36 -1.88
C HIS A 118 -29.63 29.66 -0.45
N ALA A 119 -28.68 30.28 0.24
CA ALA A 119 -28.89 30.80 1.58
C ALA A 119 -27.84 31.84 1.94
N MET A 120 -28.14 32.60 2.99
CA MET A 120 -27.23 33.58 3.53
C MET A 120 -27.19 33.34 5.03
N VAL A 121 -25.99 33.12 5.58
CA VAL A 121 -25.85 32.78 6.98
C VAL A 121 -24.86 33.73 7.65
N PHE A 122 -25.24 34.21 8.83
CA PHE A 122 -24.49 35.20 9.59
C PHE A 122 -23.85 34.48 10.76
N PHE A 123 -22.58 34.80 11.01
CA PHE A 123 -21.77 34.20 12.04
C PHE A 123 -21.13 35.28 12.84
N LYS A 124 -21.00 35.08 14.15
CA LYS A 124 -20.45 36.09 15.03
C LYS A 124 -19.71 35.43 16.17
N THR A 125 -18.47 35.85 16.43
CA THR A 125 -17.67 35.30 17.52
C THR A 125 -16.78 36.37 18.18
N VAL A 126 -16.15 36.03 19.30
CA VAL A 126 -15.35 36.94 20.08
C VAL A 126 -13.97 36.37 20.33
N ALA A 127 -12.94 37.20 20.25
CA ALA A 127 -11.62 36.89 20.77
C ALA A 127 -10.92 38.18 21.22
N GLN A 128 -10.11 38.11 22.27
CA GLN A 128 -9.43 39.28 22.84
C GLN A 128 -10.30 40.52 23.08
N ASN A 129 -11.55 40.29 23.47
CA ASN A 129 -12.55 41.36 23.69
C ASN A 129 -13.04 42.09 22.44
N ARG A 130 -12.85 41.50 21.26
CA ARG A 130 -13.19 42.12 20.00
C ARG A 130 -14.17 41.21 19.30
N GLU A 131 -15.31 41.76 18.88
CA GLU A 131 -16.35 40.98 18.19
C GLU A 131 -16.08 40.88 16.67
N TYR A 132 -16.00 39.66 16.14
CA TYR A 132 -15.85 39.44 14.70
C TYR A 132 -17.16 38.94 14.15
N PHE A 133 -17.57 39.41 12.98
CA PHE A 133 -18.71 38.83 12.31
C PHE A 133 -18.42 38.56 10.85
N PHE A 134 -19.20 37.64 10.30
CA PHE A 134 -18.91 37.00 9.03
C PHE A 134 -20.24 36.55 8.41
N ILE A 135 -20.33 36.60 7.08
CA ILE A 135 -21.54 36.19 6.38
C ILE A 135 -21.16 35.31 5.21
N THR A 136 -21.91 34.25 4.97
CA THR A 136 -21.63 33.39 3.82
C THR A 136 -22.83 33.40 2.92
N LEU A 137 -22.55 33.32 1.62
CA LEU A 137 -23.56 33.07 0.60
C LEU A 137 -23.38 31.61 0.20
N TYR A 138 -24.25 30.75 0.71
CA TYR A 138 -24.25 29.30 0.40
C TYR A 138 -24.95 29.04 -0.92
N GLY A 139 -24.46 28.07 -1.69
CA GLY A 139 -25.13 27.59 -2.92
C GLY A 139 -25.28 26.06 -2.97
N ARG A 140 -26.40 25.56 -3.46
CA ARG A 140 -26.51 24.12 -3.75
C ARG A 140 -25.64 23.71 -4.91
N THR A 141 -25.28 24.69 -5.74
CA THR A 141 -24.22 24.54 -6.72
C THR A 141 -23.15 25.63 -6.53
N LYS A 142 -22.04 25.42 -7.23
CA LYS A 142 -20.87 26.30 -7.19
C LYS A 142 -21.13 27.65 -7.82
N GLU A 143 -21.95 27.65 -8.85
CA GLU A 143 -22.37 28.87 -9.49
C GLU A 143 -23.66 29.33 -8.86
N LEU A 144 -23.84 30.65 -8.83
CA LEU A 144 -25.11 31.29 -8.48
C LEU A 144 -25.34 32.44 -9.43
N THR A 145 -26.55 32.97 -9.43
CA THR A 145 -26.95 33.98 -10.41
C THR A 145 -26.40 35.30 -9.96
N SER A 146 -26.15 36.22 -10.88
CA SER A 146 -25.59 37.53 -10.51
C SER A 146 -26.54 38.34 -9.65
N GLU A 147 -27.86 38.20 -9.81
CA GLU A 147 -28.80 38.85 -8.89
C GLU A 147 -28.77 38.31 -7.46
N LEU A 148 -28.42 37.05 -7.25
CA LEU A 148 -28.25 36.53 -5.88
C LEU A 148 -26.97 37.03 -5.21
N LYS A 149 -25.94 37.28 -5.99
CA LYS A 149 -24.67 37.81 -5.50
C LYS A 149 -24.77 39.29 -5.21
N GLU A 150 -25.42 40.02 -6.11
CA GLU A 150 -25.70 41.43 -5.88
C GLU A 150 -26.46 41.59 -4.55
N ASN A 151 -27.44 40.73 -4.29
CA ASN A 151 -28.24 40.77 -3.05
C ASN A 151 -27.42 40.49 -1.81
N PHE A 152 -26.42 39.63 -1.95
CA PHE A 152 -25.46 39.35 -0.89
C PHE A 152 -24.61 40.60 -0.60
N ILE A 153 -24.15 41.26 -1.66
CA ILE A 153 -23.39 42.50 -1.51
C ILE A 153 -24.24 43.55 -0.80
N ARG A 154 -25.49 43.70 -1.24
CA ARG A 154 -26.47 44.59 -0.62
C ARG A 154 -26.64 44.37 0.88
N PHE A 155 -26.84 43.12 1.28
CA PHE A 155 -27.05 42.78 2.68
C PHE A 155 -25.78 43.00 3.50
N SER A 156 -24.65 42.58 2.96
CA SER A 156 -23.36 42.82 3.60
C SER A 156 -23.13 44.32 3.88
N LYS A 157 -23.49 45.17 2.92
CA LYS A 157 -23.43 46.62 3.13
C LYS A 157 -24.40 47.10 4.21
N SER A 158 -25.53 46.43 4.37
CA SER A 158 -26.52 46.78 5.40
C SER A 158 -25.97 46.50 6.80
N LEU A 159 -25.04 45.55 6.91
CA LEU A 159 -24.31 45.35 8.17
C LEU A 159 -23.01 46.17 8.28
N GLY A 160 -22.81 47.13 7.38
CA GLY A 160 -21.68 48.06 7.43
C GLY A 160 -20.36 47.67 6.79
N LEU A 161 -20.35 46.63 5.97
CA LEU A 161 -19.13 46.22 5.26
C LEU A 161 -19.03 46.90 3.89
N PRO A 162 -17.86 47.48 3.55
CA PRO A 162 -17.63 47.93 2.17
C PRO A 162 -17.24 46.78 1.22
N GLU A 163 -17.03 47.10 -0.05
CA GLU A 163 -16.83 46.09 -1.09
C GLU A 163 -15.56 45.29 -0.91
N ASN A 164 -14.51 45.93 -0.41
CA ASN A 164 -13.22 45.26 -0.22
C ASN A 164 -13.16 44.29 0.97
N HIS A 165 -14.27 44.20 1.72
CA HIS A 165 -14.50 43.15 2.71
C HIS A 165 -15.44 42.03 2.19
N ILE A 166 -15.62 41.96 0.88
CA ILE A 166 -16.49 40.96 0.28
C ILE A 166 -15.75 40.21 -0.81
N VAL A 167 -15.85 38.89 -0.75
CA VAL A 167 -15.11 37.98 -1.58
C VAL A 167 -16.07 36.91 -2.17
N PHE A 168 -15.80 36.55 -3.42
CA PHE A 168 -16.45 35.45 -4.08
C PHE A 168 -15.38 34.41 -4.41
N PRO A 169 -15.24 33.37 -3.57
CA PRO A 169 -14.25 32.30 -3.71
C PRO A 169 -14.20 31.66 -5.08
N VAL A 170 -12.98 31.31 -5.51
CA VAL A 170 -12.78 30.67 -6.80
C VAL A 170 -13.24 29.21 -6.71
N PRO A 171 -14.13 28.76 -7.62
CA PRO A 171 -14.54 27.34 -7.66
C PRO A 171 -13.37 26.40 -7.91
N ILE A 172 -13.40 25.23 -7.27
CA ILE A 172 -12.34 24.23 -7.41
C ILE A 172 -12.95 22.86 -7.53
N ASP A 173 -12.24 21.96 -8.21
CA ASP A 173 -12.67 20.57 -8.37
C ASP A 173 -12.21 19.63 -7.26
N GLN A 174 -11.18 19.99 -6.49
CA GLN A 174 -10.60 19.05 -5.52
C GLN A 174 -11.45 18.98 -4.31
N CYS A 175 -11.52 17.81 -3.67
CA CYS A 175 -12.15 17.63 -2.35
C CYS A 175 -13.64 17.89 -2.22
N ILE A 176 -14.13 19.00 -2.77
CA ILE A 176 -15.47 19.50 -2.50
C ILE A 176 -16.63 18.88 -3.31
N ASP A 177 -16.37 18.01 -4.29
CA ASP A 177 -17.46 17.34 -5.01
C ASP A 177 -17.66 15.88 -4.60
N GLY A 178 -17.52 15.61 -3.30
CA GLY A 178 -17.79 14.28 -2.76
C GLY A 178 -19.28 14.03 -2.61
N SER A 179 -19.72 12.87 -3.09
CA SER A 179 -21.05 12.32 -2.80
C SER A 179 -20.98 11.64 -1.46
N ALA A 180 -22.15 11.33 -0.91
CA ALA A 180 -22.26 10.59 0.33
C ALA A 180 -23.72 10.33 0.62
N TRP A 181 -24.04 9.07 0.91
CA TRP A 181 -25.36 8.65 1.34
C TRP A 181 -25.84 9.35 2.65
N SER A 182 -27.16 9.48 2.80
CA SER A 182 -27.83 9.75 4.10
C SER A 182 -29.35 9.49 4.00
N VAL B 95 11.12 28.40 -0.54
CA VAL B 95 11.19 29.02 0.84
C VAL B 95 10.71 28.04 1.91
N PRO B 96 11.62 27.51 2.75
CA PRO B 96 11.25 26.39 3.64
C PRO B 96 10.10 26.65 4.62
N GLN B 97 9.27 25.64 4.84
CA GLN B 97 8.27 25.64 5.89
C GLN B 97 8.88 25.05 7.12
N LEU B 98 8.23 25.30 8.25
CA LEU B 98 8.54 24.55 9.47
C LEU B 98 8.03 23.13 9.29
N THR B 99 8.82 22.18 9.77
CA THR B 99 8.47 20.77 9.67
C THR B 99 8.06 20.13 11.01
N ASP B 100 8.12 20.88 12.10
CA ASP B 100 7.86 20.34 13.45
C ASP B 100 7.01 21.26 14.34
N LEU B 101 6.11 22.03 13.74
CA LEU B 101 5.16 22.82 14.52
C LEU B 101 4.28 21.91 15.35
N SER B 102 4.07 22.28 16.61
CA SER B 102 3.31 21.45 17.54
C SER B 102 2.62 22.33 18.55
N PHE B 103 1.54 21.82 19.15
CA PHE B 103 0.83 22.53 20.20
C PHE B 103 1.22 22.05 21.58
N VAL B 104 1.24 22.99 22.51
CA VAL B 104 1.47 22.74 23.92
C VAL B 104 0.59 23.70 24.74
N ASP B 105 0.51 23.45 26.06
CA ASP B 105 -0.21 24.29 27.03
C ASP B 105 -1.60 24.68 26.55
N ILE B 106 -2.37 23.67 26.12
CA ILE B 106 -3.72 23.88 25.61
C ILE B 106 -4.71 24.04 26.74
N THR B 107 -5.26 25.24 26.86
CA THR B 107 -6.17 25.58 27.94
C THR B 107 -7.49 25.95 27.33
N ASP B 108 -8.41 26.36 28.20
CA ASP B 108 -9.71 26.83 27.76
C ASP B 108 -9.69 28.14 27.00
N SER B 109 -8.67 28.97 27.17
CA SER B 109 -8.63 30.25 26.45
C SER B 109 -7.38 30.50 25.63
N SER B 110 -6.46 29.54 25.60
CA SER B 110 -5.16 29.79 24.99
C SER B 110 -4.54 28.52 24.40
N ILE B 111 -3.66 28.70 23.41
CA ILE B 111 -2.92 27.61 22.80
C ILE B 111 -1.45 28.01 22.61
N GLY B 112 -0.54 27.15 23.06
CA GLY B 112 0.90 27.33 22.90
C GLY B 112 1.40 26.66 21.64
N LEU B 113 2.43 27.23 21.04
CA LEU B 113 3.09 26.68 19.86
C LEU B 113 4.58 26.52 20.16
N ARG B 114 5.17 25.42 19.69
CA ARG B 114 6.61 25.29 19.65
C ARG B 114 7.03 24.76 18.30
N TRP B 115 8.17 25.25 17.82
CA TRP B 115 8.78 24.78 16.60
C TRP B 115 10.28 25.01 16.68
N THR B 116 11.05 24.34 15.83
CA THR B 116 12.51 24.51 15.78
C THR B 116 12.76 25.58 14.74
N PRO B 117 13.38 26.71 15.16
CA PRO B 117 13.69 27.73 14.16
C PRO B 117 14.70 27.20 13.16
N LEU B 118 14.60 27.66 11.92
CA LEU B 118 15.43 27.14 10.84
C LEU B 118 16.79 27.83 10.83
N ASN B 119 17.68 27.37 9.94
CA ASN B 119 19.01 27.97 9.74
C ASN B 119 19.10 28.65 8.38
N SER B 120 19.10 29.98 8.37
CA SER B 120 19.32 30.75 7.14
C SER B 120 19.68 32.18 7.48
N SER B 121 20.65 32.75 6.75
CA SER B 121 20.83 34.19 6.75
C SER B 121 19.56 34.89 6.25
N THR B 122 18.93 34.30 5.22
CA THR B 122 17.74 34.87 4.57
C THR B 122 16.52 34.98 5.48
N ILE B 123 16.38 34.08 6.44
CA ILE B 123 15.15 34.04 7.25
C ILE B 123 15.12 35.18 8.27
N ILE B 124 14.13 36.06 8.13
CA ILE B 124 13.98 37.27 8.96
C ILE B 124 13.01 37.12 10.15
N GLY B 125 12.08 36.17 10.06
CA GLY B 125 11.08 35.96 11.10
C GLY B 125 9.99 34.97 10.70
N TYR B 126 8.97 34.87 11.54
CA TYR B 126 7.85 33.96 11.33
C TYR B 126 6.55 34.70 11.58
N ARG B 127 5.68 34.79 10.57
CA ARG B 127 4.32 35.28 10.80
C ARG B 127 3.44 34.17 11.40
N ILE B 128 2.57 34.57 12.31
CA ILE B 128 1.63 33.67 12.97
C ILE B 128 0.22 34.16 12.70
N THR B 129 -0.63 33.29 12.17
CA THR B 129 -1.97 33.61 11.70
C THR B 129 -2.94 32.76 12.51
N VAL B 130 -3.98 33.38 13.08
CA VAL B 130 -5.01 32.65 13.82
C VAL B 130 -6.34 32.93 13.16
N VAL B 131 -7.12 31.87 12.99
CA VAL B 131 -8.38 31.91 12.24
C VAL B 131 -9.42 31.03 12.96
N ALA B 132 -10.68 31.45 12.97
CA ALA B 132 -11.73 30.61 13.52
C ALA B 132 -12.14 29.59 12.47
N ALA B 133 -11.96 28.31 12.79
CA ALA B 133 -12.05 27.24 11.78
C ALA B 133 -13.48 26.99 11.36
N GLY B 134 -13.67 26.56 10.13
CA GLY B 134 -14.99 26.27 9.62
C GLY B 134 -15.29 27.27 8.55
N GLU B 135 -15.72 28.45 8.99
CA GLU B 135 -15.99 29.56 8.07
C GLU B 135 -14.69 30.26 7.72
N GLY B 136 -13.66 30.03 8.53
CA GLY B 136 -12.34 30.57 8.32
C GLY B 136 -12.36 32.05 8.58
N ILE B 137 -12.78 32.44 9.80
CA ILE B 137 -12.92 33.85 10.15
C ILE B 137 -11.57 34.32 10.67
N PRO B 138 -10.96 35.34 10.02
CA PRO B 138 -9.64 35.76 10.50
C PRO B 138 -9.75 36.46 11.84
N ILE B 139 -8.89 36.05 12.79
CA ILE B 139 -8.91 36.57 14.16
C ILE B 139 -7.76 37.56 14.37
N PHE B 140 -6.52 37.10 14.22
CA PHE B 140 -5.35 38.00 14.15
C PHE B 140 -4.11 37.38 13.52
N GLU B 141 -3.13 38.25 13.23
CA GLU B 141 -1.77 37.89 12.83
C GLU B 141 -0.78 38.50 13.81
N ASP B 142 0.43 37.95 13.83
CA ASP B 142 1.47 38.35 14.78
C ASP B 142 2.83 37.90 14.23
N PHE B 143 3.87 38.66 14.52
CA PHE B 143 5.22 38.40 13.99
C PHE B 143 6.12 38.08 15.19
N VAL B 144 7.07 37.18 14.99
CA VAL B 144 8.20 36.96 15.90
C VAL B 144 9.46 36.83 15.06
N ASP B 145 10.64 37.03 15.67
CA ASP B 145 11.88 37.07 14.88
C ASP B 145 12.51 35.69 14.64
N SER B 146 13.51 35.64 13.78
CA SER B 146 14.07 34.40 13.24
C SER B 146 14.59 33.40 14.26
N SER B 147 15.00 33.87 15.45
CA SER B 147 15.51 32.99 16.49
C SER B 147 14.43 32.40 17.40
N VAL B 148 13.18 32.81 17.23
CA VAL B 148 12.12 32.43 18.17
C VAL B 148 11.40 31.15 17.71
N GLY B 149 11.34 30.16 18.61
CA GLY B 149 10.63 28.90 18.36
C GLY B 149 9.57 28.62 19.40
N TYR B 150 8.77 29.66 19.71
CA TYR B 150 7.72 29.58 20.74
C TYR B 150 6.78 30.77 20.59
N TYR B 151 5.51 30.53 20.87
CA TYR B 151 4.47 31.56 20.83
C TYR B 151 3.19 31.08 21.44
N THR B 152 2.51 31.93 22.21
CA THR B 152 1.20 31.59 22.82
C THR B 152 0.03 32.39 22.26
N VAL B 153 -0.96 31.70 21.68
CA VAL B 153 -2.22 32.35 21.31
C VAL B 153 -3.10 32.49 22.55
N THR B 154 -3.53 33.71 22.82
CA THR B 154 -4.34 34.00 24.00
C THR B 154 -5.65 34.68 23.62
N GLY B 155 -6.57 34.69 24.58
CA GLY B 155 -7.85 35.36 24.44
C GLY B 155 -8.87 34.61 23.65
N LEU B 156 -8.66 33.32 23.51
CA LEU B 156 -9.58 32.47 22.73
C LEU B 156 -10.77 32.09 23.58
N GLU B 157 -11.76 31.52 22.93
CA GLU B 157 -13.02 31.20 23.54
C GLU B 157 -13.05 29.67 23.74
N PRO B 158 -13.54 29.20 24.90
CA PRO B 158 -13.48 27.78 25.20
C PRO B 158 -14.43 26.93 24.38
N GLY B 159 -13.97 25.71 24.08
CA GLY B 159 -14.72 24.76 23.32
C GLY B 159 -14.81 25.00 21.82
N ILE B 160 -14.07 25.97 21.28
CA ILE B 160 -14.17 26.39 19.88
C ILE B 160 -12.91 25.97 19.12
N ASP B 161 -13.11 25.73 17.83
CA ASP B 161 -12.08 25.28 16.85
C ASP B 161 -11.38 26.44 16.13
N TYR B 162 -10.05 26.45 16.26
CA TYR B 162 -9.20 27.44 15.62
C TYR B 162 -8.14 26.78 14.71
N ASP B 163 -7.91 27.38 13.53
CA ASP B 163 -6.76 27.06 12.64
C ASP B 163 -5.64 28.01 12.97
N ILE B 164 -4.48 27.47 13.30
CA ILE B 164 -3.32 28.28 13.55
C ILE B 164 -2.26 27.85 12.58
N SER B 165 -1.65 28.82 11.91
CA SER B 165 -0.55 28.54 10.98
C SER B 165 0.65 29.46 11.19
N VAL B 166 1.83 28.97 10.81
CA VAL B 166 3.08 29.72 10.89
C VAL B 166 3.74 29.78 9.53
N ILE B 167 4.16 30.97 9.13
CA ILE B 167 4.73 31.22 7.81
C ILE B 167 6.16 31.75 7.97
N THR B 168 7.12 31.14 7.28
CA THR B 168 8.52 31.57 7.33
C THR B 168 8.70 32.77 6.43
N LEU B 169 9.44 33.79 6.89
CA LEU B 169 9.53 35.08 6.18
C LEU B 169 10.95 35.36 5.71
N ILE B 170 11.06 35.72 4.43
CA ILE B 170 12.30 36.25 3.86
C ILE B 170 12.02 37.64 3.31
N ASN B 171 13.09 38.32 2.88
CA ASN B 171 13.00 39.70 2.41
C ASN B 171 12.33 39.71 1.02
N GLY B 172 11.06 40.13 0.99
CA GLY B 172 10.26 40.17 -0.25
C GLY B 172 9.83 38.77 -0.69
N GLY B 173 9.26 38.02 0.24
CA GLY B 173 8.83 36.65 -0.01
C GLY B 173 8.50 35.88 1.25
N GLU B 174 7.96 34.69 1.09
CA GLU B 174 7.53 33.85 2.22
C GLU B 174 7.21 32.43 1.82
N SER B 175 7.00 31.59 2.83
CA SER B 175 6.66 30.20 2.65
C SER B 175 5.16 29.96 2.53
N ALA B 176 4.82 28.74 2.12
CA ALA B 176 3.47 28.22 2.25
C ALA B 176 3.22 28.04 3.72
N PRO B 177 1.98 28.28 4.16
CA PRO B 177 1.72 28.17 5.59
C PRO B 177 1.84 26.73 6.07
N THR B 178 2.30 26.56 7.31
CA THR B 178 2.13 25.30 8.02
C THR B 178 0.95 25.45 8.98
N THR B 179 -0.17 24.81 8.67
CA THR B 179 -1.44 24.98 9.37
C THR B 179 -1.83 23.75 10.22
N LEU B 180 -2.27 23.99 11.45
CA LEU B 180 -2.84 22.98 12.30
C LEU B 180 -4.14 23.52 12.89
N THR B 181 -5.03 22.60 13.25
CA THR B 181 -6.34 22.94 13.80
C THR B 181 -6.37 22.39 15.22
N GLN B 182 -6.80 23.20 16.17
CA GLN B 182 -6.88 22.80 17.56
C GLN B 182 -8.11 23.40 18.22
N GLN B 183 -8.72 22.61 19.12
CA GLN B 183 -9.88 23.01 19.88
C GLN B 183 -9.50 23.30 21.32
N THR B 184 -9.87 24.49 21.79
CA THR B 184 -9.64 24.90 23.17
C THR B 184 -10.35 23.95 24.12
N ALA B 185 -9.77 23.82 25.31
CA ALA B 185 -10.17 22.86 26.32
C ALA B 185 -11.46 23.23 27.00
N VAL B 186 -11.97 22.32 27.82
CA VAL B 186 -13.06 22.63 28.71
C VAL B 186 -12.41 23.27 29.93
N PRO B 187 -13.03 24.34 30.44
CA PRO B 187 -12.38 25.04 31.56
C PRO B 187 -12.53 24.27 32.87
N PRO B 188 -11.45 24.16 33.66
CA PRO B 188 -11.51 23.38 34.89
C PRO B 188 -12.15 24.17 36.00
N PRO B 189 -12.55 23.50 37.10
CA PRO B 189 -12.96 24.26 38.29
C PRO B 189 -11.76 24.89 39.00
N THR B 190 -12.06 25.67 40.03
CA THR B 190 -11.04 26.37 40.79
C THR B 190 -11.36 26.26 42.25
N ASP B 191 -10.39 26.65 43.07
CA ASP B 191 -10.61 26.86 44.50
C ASP B 191 -11.07 25.57 45.21
N LEU B 192 -10.19 24.57 45.20
CA LEU B 192 -10.42 23.30 45.87
C LEU B 192 -10.15 23.45 47.36
N ARG B 193 -11.20 23.34 48.16
CA ARG B 193 -11.07 23.32 49.61
C ARG B 193 -11.45 21.94 50.13
N PHE B 194 -10.86 21.56 51.25
CA PHE B 194 -11.30 20.39 52.00
C PHE B 194 -11.82 20.82 53.37
N THR B 195 -13.03 20.39 53.70
CA THR B 195 -13.68 20.71 54.98
C THR B 195 -14.24 19.45 55.62
N ASN B 196 -14.69 19.58 56.87
CA ASN B 196 -15.33 18.49 57.62
C ASN B 196 -14.49 17.20 57.63
N ILE B 197 -13.29 17.34 58.17
CA ILE B 197 -12.31 16.26 58.18
C ILE B 197 -12.63 15.32 59.32
N GLY B 198 -13.10 14.13 58.98
CA GLY B 198 -13.28 13.04 59.94
C GLY B 198 -12.18 12.02 59.79
N PRO B 199 -12.21 10.96 60.61
CA PRO B 199 -11.29 9.83 60.41
C PRO B 199 -11.68 8.93 59.22
N ASP B 200 -12.93 9.02 58.75
CA ASP B 200 -13.43 8.18 57.65
C ASP B 200 -14.22 8.96 56.60
N THR B 201 -14.04 10.28 56.54
CA THR B 201 -14.86 11.14 55.68
C THR B 201 -14.24 12.53 55.53
N MET B 202 -14.40 13.10 54.34
CA MET B 202 -14.10 14.51 54.10
C MET B 202 -15.11 15.10 53.11
N ARG B 203 -15.22 16.42 53.15
CA ARG B 203 -16.03 17.19 52.21
C ARG B 203 -15.10 17.94 51.24
N VAL B 204 -15.47 17.94 49.96
CA VAL B 204 -14.67 18.53 48.88
C VAL B 204 -15.51 19.59 48.20
N THR B 205 -15.01 20.83 48.18
CA THR B 205 -15.68 21.95 47.52
C THR B 205 -14.79 22.54 46.44
N TRP B 206 -15.44 23.03 45.39
CA TRP B 206 -14.78 23.72 44.30
C TRP B 206 -15.69 24.82 43.80
N ALA B 207 -15.11 25.75 43.06
CA ALA B 207 -15.89 26.78 42.39
C ALA B 207 -16.03 26.38 40.93
N PRO B 208 -17.26 26.23 40.42
CA PRO B 208 -17.41 25.91 39.01
C PRO B 208 -16.89 27.00 38.08
N PRO B 209 -16.56 26.65 36.83
CA PRO B 209 -16.24 27.68 35.87
C PRO B 209 -17.52 28.45 35.56
N PRO B 210 -17.51 29.77 35.82
CA PRO B 210 -18.78 30.49 35.75
C PRO B 210 -19.37 30.60 34.32
N SER B 211 -20.71 30.51 34.28
CA SER B 211 -21.54 30.56 33.07
C SER B 211 -21.23 29.54 31.97
N ILE B 212 -20.52 28.46 32.31
CA ILE B 212 -20.24 27.36 31.40
C ILE B 212 -21.26 26.30 31.78
N ASP B 213 -22.00 25.79 30.79
CA ASP B 213 -22.98 24.73 31.02
C ASP B 213 -22.37 23.36 30.76
N LEU B 214 -21.90 22.73 31.84
CA LEU B 214 -21.31 21.39 31.79
C LEU B 214 -22.41 20.36 31.89
N THR B 215 -22.14 19.15 31.41
CA THR B 215 -23.07 18.04 31.59
C THR B 215 -22.83 17.38 32.96
N ASN B 216 -21.58 17.27 33.41
CA ASN B 216 -21.31 16.83 34.79
C ASN B 216 -19.92 17.20 35.33
N PHE B 217 -19.71 16.99 36.63
CA PHE B 217 -18.36 16.98 37.21
C PHE B 217 -17.93 15.53 37.41
N LEU B 218 -16.66 15.36 37.77
CA LEU B 218 -16.07 14.04 37.88
C LEU B 218 -14.97 14.08 38.94
N VAL B 219 -15.25 13.42 40.06
CA VAL B 219 -14.36 13.39 41.21
C VAL B 219 -13.66 12.05 41.20
N ARG B 220 -12.33 12.08 41.31
CA ARG B 220 -11.51 10.88 41.49
C ARG B 220 -10.78 10.99 42.80
N TYR B 221 -10.83 9.94 43.61
CA TYR B 221 -10.01 9.90 44.81
C TYR B 221 -9.35 8.56 44.98
N SER B 222 -8.17 8.60 45.58
CA SER B 222 -7.40 7.40 45.91
C SER B 222 -6.40 7.75 47.00
N PRO B 223 -5.98 6.76 47.79
CA PRO B 223 -4.84 7.02 48.68
C PRO B 223 -3.56 7.35 47.90
N VAL B 224 -2.66 8.10 48.55
CA VAL B 224 -1.35 8.43 47.97
C VAL B 224 -0.51 7.16 47.80
N LYS B 225 -0.56 6.27 48.79
CA LYS B 225 0.33 5.12 48.85
C LYS B 225 -0.10 3.93 47.98
N ASN B 226 -1.33 3.99 47.45
CA ASN B 226 -1.88 2.96 46.56
C ASN B 226 -2.71 3.65 45.47
N GLU B 227 -2.01 4.14 44.45
CA GLU B 227 -2.66 4.85 43.34
C GLU B 227 -3.56 3.96 42.46
N GLU B 228 -3.25 2.67 42.36
CA GLU B 228 -4.09 1.71 41.59
C GLU B 228 -5.56 1.59 42.07
N ASP B 229 -5.81 1.85 43.35
CA ASP B 229 -7.15 1.84 43.95
C ASP B 229 -7.84 3.23 43.82
N VAL B 230 -8.34 3.55 42.62
CA VAL B 230 -9.02 4.85 42.35
C VAL B 230 -10.54 4.77 42.34
N ALA B 231 -11.20 5.81 42.85
CA ALA B 231 -12.66 5.90 42.86
C ALA B 231 -13.10 7.04 41.95
N GLU B 232 -14.25 6.88 41.28
CA GLU B 232 -14.85 7.88 40.40
C GLU B 232 -16.31 8.11 40.81
N LEU B 233 -16.64 9.36 41.15
CA LEU B 233 -18.02 9.79 41.35
C LEU B 233 -18.38 10.82 40.30
N SER B 234 -19.52 10.63 39.63
CA SER B 234 -20.06 11.62 38.68
C SER B 234 -21.08 12.54 39.38
N ILE B 235 -20.70 13.81 39.52
CA ILE B 235 -21.42 14.81 40.30
C ILE B 235 -22.18 15.76 39.39
N SER B 236 -23.38 16.14 39.82
CA SER B 236 -24.30 16.95 39.03
C SER B 236 -23.66 18.30 38.71
N PRO B 237 -23.84 18.80 37.47
CA PRO B 237 -23.18 20.05 37.08
C PRO B 237 -23.59 21.27 37.92
N SER B 238 -24.77 21.19 38.54
CA SER B 238 -25.26 22.21 39.48
C SER B 238 -24.73 22.08 40.93
N ASP B 239 -24.11 20.96 41.29
CA ASP B 239 -23.48 20.81 42.59
C ASP B 239 -22.08 21.34 42.53
N ASN B 240 -21.55 21.75 43.68
CA ASN B 240 -20.18 22.25 43.79
C ASN B 240 -19.42 21.61 44.94
N ALA B 241 -19.96 20.51 45.45
CA ALA B 241 -19.41 19.86 46.62
C ALA B 241 -19.86 18.41 46.69
N VAL B 242 -19.00 17.54 47.21
CA VAL B 242 -19.38 16.15 47.51
C VAL B 242 -18.68 15.73 48.81
N VAL B 243 -19.35 14.89 49.58
CA VAL B 243 -18.78 14.32 50.80
C VAL B 243 -18.37 12.88 50.52
N LEU B 244 -17.10 12.59 50.78
CA LEU B 244 -16.56 11.26 50.60
C LEU B 244 -16.76 10.48 51.89
N THR B 245 -16.96 9.17 51.78
CA THR B 245 -17.13 8.28 52.96
C THR B 245 -16.32 6.98 52.80
N ASN B 246 -16.36 6.13 53.82
CA ASN B 246 -15.65 4.83 53.84
C ASN B 246 -14.13 4.95 53.61
N LEU B 247 -13.54 6.02 54.10
CA LEU B 247 -12.12 6.27 53.95
C LEU B 247 -11.35 5.63 55.11
N LEU B 248 -10.10 5.29 54.83
CA LEU B 248 -9.20 4.72 55.82
C LEU B 248 -8.65 5.85 56.68
N PRO B 249 -8.58 5.64 58.01
CA PRO B 249 -8.10 6.72 58.88
C PRO B 249 -6.58 6.88 58.83
N GLY B 250 -6.11 8.10 59.07
CA GLY B 250 -4.67 8.41 59.09
C GLY B 250 -3.99 8.22 57.75
N THR B 251 -4.75 8.48 56.68
CA THR B 251 -4.33 8.17 55.32
C THR B 251 -4.53 9.37 54.40
N GLU B 252 -3.47 9.74 53.68
CA GLU B 252 -3.49 10.85 52.75
C GLU B 252 -4.16 10.46 51.43
N TYR B 253 -5.19 11.21 51.02
CA TYR B 253 -5.87 10.97 49.74
C TYR B 253 -5.46 12.02 48.72
N VAL B 254 -5.57 11.66 47.43
CA VAL B 254 -5.47 12.62 46.33
C VAL B 254 -6.87 12.73 45.77
N VAL B 255 -7.47 13.90 45.90
CA VAL B 255 -8.75 14.17 45.30
C VAL B 255 -8.52 15.06 44.09
N SER B 256 -9.21 14.75 42.98
CA SER B 256 -9.20 15.60 41.78
C SER B 256 -10.64 15.86 41.33
N VAL B 257 -10.91 17.05 40.82
CA VAL B 257 -12.19 17.39 40.22
C VAL B 257 -11.99 17.91 38.80
N SER B 258 -12.65 17.26 37.85
CA SER B 258 -12.65 17.68 36.46
C SER B 258 -14.04 18.03 36.02
N SER B 259 -14.17 19.10 35.22
CA SER B 259 -15.45 19.41 34.59
C SER B 259 -15.56 18.65 33.29
N VAL B 260 -16.78 18.30 32.90
CA VAL B 260 -17.02 17.43 31.75
C VAL B 260 -18.15 18.00 30.89
N TYR B 261 -17.91 18.05 29.58
CA TYR B 261 -18.94 18.41 28.59
C TYR B 261 -18.95 17.35 27.52
N GLU B 262 -20.05 16.63 27.39
CA GLU B 262 -20.14 15.49 26.49
C GLU B 262 -18.99 14.52 26.86
N GLN B 263 -18.11 14.16 25.92
CA GLN B 263 -16.99 13.25 26.22
C GLN B 263 -15.65 13.95 26.52
N HIS B 264 -15.58 15.26 26.28
CA HIS B 264 -14.41 16.08 26.62
C HIS B 264 -14.42 16.42 28.10
N GLU B 265 -13.27 16.36 28.77
CA GLU B 265 -13.15 16.83 30.16
C GLU B 265 -11.96 17.75 30.42
N SER B 266 -12.07 18.57 31.45
CA SER B 266 -11.06 19.59 31.75
C SER B 266 -9.80 18.95 32.25
N THR B 267 -8.77 19.77 32.40
CA THR B 267 -7.58 19.35 33.11
C THR B 267 -8.01 19.25 34.55
N PRO B 268 -7.37 18.37 35.34
CA PRO B 268 -7.94 18.19 36.67
C PRO B 268 -7.48 19.24 37.68
N LEU B 269 -8.43 19.62 38.53
CA LEU B 269 -8.16 20.36 39.75
C LEU B 269 -7.86 19.37 40.86
N ARG B 270 -6.63 19.38 41.38
CA ARG B 270 -6.12 18.31 42.23
C ARG B 270 -5.50 18.80 43.55
N GLY B 271 -5.88 18.21 44.67
CA GLY B 271 -5.24 18.46 45.95
C GLY B 271 -5.11 17.21 46.80
N ARG B 272 -4.53 17.40 47.98
CA ARG B 272 -4.30 16.32 48.94
C ARG B 272 -4.69 16.69 50.35
N GLN B 273 -5.67 15.98 50.88
CA GLN B 273 -6.04 16.07 52.29
C GLN B 273 -5.85 14.67 52.89
N LYS B 274 -5.46 14.62 54.16
CA LYS B 274 -5.44 13.37 54.90
C LYS B 274 -6.53 13.34 55.95
N THR B 275 -6.96 12.14 56.29
CA THR B 275 -7.98 11.90 57.30
C THR B 275 -7.33 11.89 58.69
N GLY B 276 -8.16 12.06 59.72
CA GLY B 276 -7.70 11.98 61.12
C GLY B 276 -7.70 10.54 61.64
N SER B 277 -7.52 10.40 62.96
CA SER B 277 -7.60 9.11 63.66
C SER B 277 -8.49 9.25 64.89
N ASP C 2 -6.76 7.15 11.19
CA ASP C 2 -7.52 8.19 11.96
C ASP C 2 -8.86 8.48 11.29
N SER C 3 -9.81 8.99 12.07
CA SER C 3 -11.12 9.42 11.55
C SER C 3 -10.99 10.71 10.73
N THR C 4 -10.46 11.76 11.35
CA THR C 4 -10.43 13.11 10.75
C THR C 4 -9.01 13.65 10.55
N SER C 5 -8.21 12.90 9.80
CA SER C 5 -6.90 13.36 9.33
C SER C 5 -7.05 13.83 7.90
N ASP C 6 -6.14 14.65 7.42
CA ASP C 6 -6.14 15.06 6.01
C ASP C 6 -5.86 13.88 5.08
N LEU C 7 -6.45 13.92 3.89
CA LEU C 7 -6.31 12.90 2.86
C LEU C 7 -5.79 13.50 1.57
N ILE C 8 -4.93 12.78 0.87
CA ILE C 8 -4.52 13.24 -0.45
C ILE C 8 -5.75 13.08 -1.30
N PRO C 9 -6.14 14.13 -2.02
CA PRO C 9 -7.40 14.10 -2.77
C PRO C 9 -7.42 13.04 -3.82
N ALA C 10 -8.60 12.50 -4.10
CA ALA C 10 -8.77 11.59 -5.23
C ALA C 10 -8.50 12.33 -6.52
N PRO C 11 -7.77 11.70 -7.46
CA PRO C 11 -7.44 12.43 -8.66
C PRO C 11 -8.65 12.57 -9.55
N PRO C 12 -8.64 13.57 -10.45
CA PRO C 12 -9.66 13.65 -11.48
C PRO C 12 -9.63 12.43 -12.39
N LEU C 13 -10.79 12.06 -12.95
CA LEU C 13 -10.90 10.83 -13.75
C LEU C 13 -10.28 10.97 -15.14
N SER C 14 -9.85 12.19 -15.51
CA SER C 14 -8.97 12.37 -16.67
C SER C 14 -7.54 11.89 -16.42
N LYS C 15 -7.20 11.55 -15.18
CA LYS C 15 -5.87 11.04 -14.85
C LYS C 15 -5.89 9.54 -14.62
N VAL C 16 -7.07 8.94 -14.64
CA VAL C 16 -7.24 7.52 -14.40
C VAL C 16 -7.87 6.92 -15.68
N PRO C 17 -7.06 6.87 -16.75
CA PRO C 17 -7.57 6.49 -18.07
C PRO C 17 -7.87 5.01 -18.13
N LEU C 18 -8.80 4.64 -18.98
CA LEU C 18 -9.34 3.29 -19.02
C LEU C 18 -8.60 2.50 -20.08
N GLN C 19 -8.23 1.27 -19.79
CA GLN C 19 -7.55 0.43 -20.79
C GLN C 19 -8.32 0.44 -22.14
N GLN C 20 -7.63 0.86 -23.20
CA GLN C 20 -8.26 0.99 -24.51
C GLN C 20 -8.59 -0.40 -25.02
N ASN C 21 -9.77 -0.55 -25.63
CA ASN C 21 -10.23 -1.84 -26.13
C ASN C 21 -10.22 -2.93 -25.05
N PHE C 22 -10.86 -2.63 -23.92
CA PHE C 22 -10.91 -3.55 -22.80
C PHE C 22 -11.73 -4.76 -23.23
N GLN C 23 -11.25 -5.94 -22.86
CA GLN C 23 -11.81 -7.18 -23.32
C GLN C 23 -12.12 -7.98 -22.07
N ASP C 24 -13.39 -7.99 -21.68
CA ASP C 24 -13.79 -8.68 -20.43
C ASP C 24 -13.50 -10.17 -20.48
N ASN C 25 -13.75 -10.79 -21.62
CA ASN C 25 -13.48 -12.21 -21.80
C ASN C 25 -12.01 -12.61 -21.60
N GLN C 26 -11.07 -11.69 -21.70
CA GLN C 26 -9.66 -11.98 -21.41
C GLN C 26 -9.21 -11.60 -20.01
N PHE C 27 -9.82 -10.58 -19.41
CA PHE C 27 -9.43 -10.12 -18.07
C PHE C 27 -9.90 -11.07 -16.95
N HIS C 28 -10.81 -11.97 -17.26
CA HIS C 28 -11.30 -12.94 -16.27
C HIS C 28 -10.23 -13.89 -15.77
N GLY C 29 -10.57 -14.60 -14.71
CA GLY C 29 -9.70 -15.60 -14.15
C GLY C 29 -9.14 -15.12 -12.84
N LYS C 30 -8.04 -15.74 -12.42
CA LYS C 30 -7.42 -15.49 -11.13
C LYS C 30 -6.32 -14.49 -11.31
N TRP C 31 -6.24 -13.57 -10.35
CA TRP C 31 -5.14 -12.59 -10.25
C TRP C 31 -4.60 -12.60 -8.80
N TYR C 32 -3.28 -12.61 -8.66
CA TYR C 32 -2.63 -12.37 -7.37
C TYR C 32 -2.43 -10.85 -7.14
N VAL C 33 -2.70 -10.37 -5.94
CA VAL C 33 -2.54 -8.97 -5.64
C VAL C 33 -1.13 -8.81 -5.14
N VAL C 34 -0.30 -8.24 -6.00
CA VAL C 34 1.15 -8.17 -5.86
C VAL C 34 1.63 -6.84 -5.29
N GLY C 35 0.80 -5.79 -5.43
CA GLY C 35 1.14 -4.46 -4.97
C GLY C 35 -0.13 -3.70 -4.64
N GLU C 36 -0.03 -2.80 -3.66
CA GLU C 36 -1.16 -2.01 -3.18
C GLU C 36 -0.70 -0.57 -2.94
N ALA C 37 -1.60 0.38 -3.21
CA ALA C 37 -1.35 1.80 -2.94
C ALA C 37 -2.66 2.52 -2.68
N GLY C 38 -2.63 3.54 -1.83
CA GLY C 38 -3.85 4.25 -1.47
C GLY C 38 -3.56 5.46 -0.63
N ASN C 39 -4.45 6.44 -0.68
CA ASN C 39 -4.31 7.62 0.13
C ASN C 39 -4.57 7.35 1.61
N SER C 40 -5.24 6.27 1.96
CA SER C 40 -5.46 5.86 3.36
C SER C 40 -4.57 4.67 3.80
N LEU C 41 -3.76 4.16 2.88
CA LEU C 41 -2.82 3.05 3.14
C LEU C 41 -1.50 3.59 3.63
N LEU C 42 -0.90 2.90 4.60
CA LEU C 42 0.38 3.30 5.18
C LEU C 42 1.25 2.09 5.44
N ARG C 43 2.49 2.13 4.96
CA ARG C 43 3.37 0.98 5.12
C ARG C 43 3.76 0.81 6.58
N GLU C 44 3.66 -0.43 7.06
CA GLU C 44 3.90 -0.77 8.46
C GLU C 44 4.68 -2.09 8.49
N ASP C 45 6.01 -1.96 8.52
CA ASP C 45 6.90 -3.11 8.41
C ASP C 45 6.82 -4.06 9.62
N LYS C 46 6.37 -3.53 10.77
CA LYS C 46 6.06 -4.36 11.95
C LYS C 46 5.11 -5.51 11.61
N ASP C 47 4.01 -5.19 10.93
CA ASP C 47 2.98 -6.16 10.56
C ASP C 47 2.46 -5.86 9.13
N PRO C 48 3.15 -6.38 8.11
CA PRO C 48 2.75 -6.05 6.75
C PRO C 48 1.47 -6.73 6.29
N ARG C 49 0.95 -6.25 5.18
CA ARG C 49 -0.26 -6.76 4.60
C ARG C 49 0.14 -8.00 3.83
N LYS C 50 -0.73 -9.01 3.84
CA LYS C 50 -0.42 -10.30 3.21
C LYS C 50 -0.97 -10.29 1.80
N MET C 51 -0.40 -11.11 0.95
CA MET C 51 -0.94 -11.31 -0.38
C MET C 51 -2.29 -12.07 -0.29
N TYR C 52 -3.21 -11.64 -1.14
CA TYR C 52 -4.49 -12.32 -1.31
C TYR C 52 -4.69 -12.49 -2.79
N ALA C 53 -5.76 -13.19 -3.18
CA ALA C 53 -6.06 -13.42 -4.59
C ALA C 53 -7.49 -13.03 -4.87
N THR C 54 -7.75 -12.46 -6.06
CA THR C 54 -9.12 -12.29 -6.56
C THR C 54 -9.36 -13.09 -7.82
N ILE C 55 -10.55 -13.68 -7.90
CA ILE C 55 -11.00 -14.40 -9.07
C ILE C 55 -12.15 -13.63 -9.68
N TYR C 56 -12.03 -13.28 -10.96
CA TYR C 56 -13.10 -12.61 -11.72
C TYR C 56 -13.77 -13.61 -12.67
N GLU C 57 -15.01 -14.01 -12.37
CA GLU C 57 -15.80 -14.83 -13.28
C GLU C 57 -16.81 -14.02 -14.08
N LEU C 58 -16.60 -13.97 -15.40
CA LEU C 58 -17.52 -13.25 -16.27
C LEU C 58 -18.78 -14.06 -16.46
N LYS C 59 -19.91 -13.44 -16.15
CA LYS C 59 -21.23 -14.06 -16.19
C LYS C 59 -21.96 -13.73 -17.48
N GLU C 60 -23.06 -14.44 -17.74
CA GLU C 60 -23.82 -14.26 -18.98
C GLU C 60 -24.39 -12.86 -19.17
N ASP C 61 -24.78 -12.21 -18.08
CA ASP C 61 -25.23 -10.80 -18.10
C ASP C 61 -24.10 -9.76 -18.19
N LYS C 62 -22.87 -10.19 -18.44
CA LYS C 62 -21.68 -9.33 -18.64
C LYS C 62 -21.15 -8.63 -17.40
N SER C 63 -21.66 -8.97 -16.22
CA SER C 63 -21.09 -8.48 -14.97
C SER C 63 -20.11 -9.55 -14.45
N TYR C 64 -19.08 -9.14 -13.74
CA TYR C 64 -18.14 -10.05 -13.13
C TYR C 64 -18.61 -10.43 -11.76
N ASN C 65 -18.21 -11.62 -11.36
CA ASN C 65 -18.50 -12.11 -10.05
C ASN C 65 -17.16 -12.34 -9.38
N VAL C 66 -16.82 -11.42 -8.50
CA VAL C 66 -15.47 -11.29 -8.00
C VAL C 66 -15.35 -11.95 -6.66
N THR C 67 -14.43 -12.90 -6.55
CA THR C 67 -14.16 -13.59 -5.30
C THR C 67 -12.79 -13.19 -4.77
N SER C 68 -12.72 -12.85 -3.49
CA SER C 68 -11.49 -12.47 -2.83
C SER C 68 -11.15 -13.57 -1.87
N VAL C 69 -9.95 -14.13 -1.97
CA VAL C 69 -9.50 -15.24 -1.11
C VAL C 69 -8.35 -14.75 -0.21
N ARG C 70 -8.48 -14.90 1.11
CA ARG C 70 -7.51 -14.36 2.09
C ARG C 70 -7.15 -15.38 3.14
N PHE C 71 -5.94 -15.25 3.69
CA PHE C 71 -5.46 -16.14 4.75
C PHE C 71 -5.47 -15.30 6.00
N ARG C 72 -6.42 -15.56 6.88
CA ARG C 72 -6.66 -14.75 8.05
C ARG C 72 -7.09 -15.61 9.23
N SER C 73 -6.46 -15.41 10.39
CA SER C 73 -6.75 -16.19 11.59
C SER C 73 -6.60 -17.69 11.33
N LYS C 74 -5.56 -18.04 10.58
CA LYS C 74 -5.18 -19.42 10.27
C LYS C 74 -6.20 -20.20 9.41
N LYS C 75 -7.06 -19.47 8.69
CA LYS C 75 -8.12 -20.04 7.87
C LYS C 75 -8.26 -19.30 6.56
N CYS C 76 -8.90 -19.93 5.59
CA CYS C 76 -9.19 -19.24 4.34
C CYS C 76 -10.47 -18.50 4.48
N HIS C 77 -10.48 -17.25 4.07
CA HIS C 77 -11.63 -16.39 4.12
C HIS C 77 -12.05 -16.03 2.71
N TYR C 78 -13.33 -16.20 2.41
CA TYR C 78 -13.89 -15.94 1.08
C TYR C 78 -14.93 -14.81 1.15
N LEU C 79 -14.82 -13.81 0.26
CA LEU C 79 -15.85 -12.79 0.04
C LEU C 79 -16.27 -12.79 -1.44
N ILE C 80 -17.58 -12.66 -1.70
CA ILE C 80 -18.09 -12.60 -3.08
C ILE C 80 -18.82 -11.27 -3.37
N ARG C 81 -18.47 -10.60 -4.47
CA ARG C 81 -19.11 -9.33 -4.86
C ARG C 81 -19.51 -9.36 -6.32
N THR C 82 -20.51 -8.56 -6.71
CA THR C 82 -20.87 -8.39 -8.12
C THR C 82 -20.42 -7.00 -8.64
N PHE C 83 -19.41 -6.99 -9.50
CA PHE C 83 -18.98 -5.76 -10.23
C PHE C 83 -19.88 -5.57 -11.43
N VAL C 84 -20.70 -4.52 -11.44
CA VAL C 84 -21.61 -4.26 -12.56
C VAL C 84 -20.95 -3.32 -13.52
N PRO C 85 -21.00 -3.57 -14.85
CA PRO C 85 -20.33 -2.64 -15.76
C PRO C 85 -21.02 -1.30 -15.80
N GLY C 86 -20.21 -0.24 -15.76
CA GLY C 86 -20.67 1.13 -15.92
C GLY C 86 -20.55 1.66 -17.35
N SER C 87 -20.29 2.96 -17.46
CA SER C 87 -20.39 3.70 -18.73
C SER C 87 -19.57 3.11 -19.86
N GLN C 88 -18.29 2.88 -19.58
CA GLN C 88 -17.34 2.54 -20.60
C GLN C 88 -16.76 1.20 -20.27
N PRO C 89 -16.40 0.40 -21.28
CA PRO C 89 -15.76 -0.88 -20.99
C PRO C 89 -14.47 -0.72 -20.22
N GLY C 90 -14.40 -1.41 -19.08
CA GLY C 90 -13.30 -1.31 -18.13
C GLY C 90 -13.71 -0.70 -16.79
N GLU C 91 -14.86 -0.03 -16.78
CA GLU C 91 -15.42 0.61 -15.58
C GLU C 91 -16.51 -0.27 -14.96
N PHE C 92 -16.47 -0.42 -13.64
CA PHE C 92 -17.48 -1.17 -12.89
C PHE C 92 -17.99 -0.36 -11.70
N THR C 93 -19.16 -0.74 -11.19
CA THR C 93 -19.66 -0.19 -9.95
C THR C 93 -20.21 -1.27 -9.03
N LEU C 94 -20.07 -1.04 -7.73
CA LEU C 94 -20.73 -1.79 -6.68
C LEU C 94 -21.60 -0.85 -5.87
N GLY C 95 -22.45 -1.48 -5.05
CA GLY C 95 -23.39 -0.78 -4.20
C GLY C 95 -24.77 -0.84 -4.79
N LEU C 96 -25.66 -0.04 -4.22
CA LEU C 96 -27.01 0.07 -4.71
C LEU C 96 -27.18 1.39 -5.47
N ILE C 97 -26.19 2.29 -5.36
CA ILE C 97 -26.21 3.57 -6.06
C ILE C 97 -25.39 3.40 -7.33
N LYS C 98 -25.96 3.83 -8.45
CA LYS C 98 -25.42 3.51 -9.77
C LYS C 98 -25.70 4.61 -10.80
N SER C 99 -26.99 4.92 -11.01
CA SER C 99 -27.40 5.92 -12.03
C SER C 99 -27.03 7.39 -11.70
N LYS C 100 -26.02 7.60 -10.86
CA LYS C 100 -25.43 8.92 -10.67
C LYS C 100 -23.93 8.83 -11.01
N PRO C 101 -23.51 9.35 -12.20
CA PRO C 101 -22.07 9.41 -12.49
C PRO C 101 -21.37 10.53 -11.71
N GLY C 102 -20.64 10.16 -10.66
CA GLY C 102 -20.06 11.12 -9.73
C GLY C 102 -20.71 11.14 -8.35
N HIS C 103 -21.74 10.31 -8.12
CA HIS C 103 -22.27 10.05 -6.78
C HIS C 103 -22.32 8.57 -6.43
N THR C 104 -21.27 7.81 -6.79
CA THR C 104 -21.24 6.34 -6.60
C THR C 104 -20.58 5.87 -5.30
N SER C 105 -21.20 4.89 -4.66
CA SER C 105 -20.70 4.28 -3.45
C SER C 105 -19.28 3.73 -3.61
N PHE C 106 -19.08 3.03 -4.73
CA PHE C 106 -17.88 2.26 -4.97
C PHE C 106 -17.67 2.12 -6.49
N LEU C 107 -16.48 2.48 -6.96
CA LEU C 107 -16.19 2.64 -8.38
C LEU C 107 -14.92 1.90 -8.70
N VAL C 108 -14.89 1.18 -9.81
CA VAL C 108 -13.70 0.44 -10.23
C VAL C 108 -13.27 0.79 -11.64
N ARG C 109 -11.97 0.94 -11.89
CA ARG C 109 -11.44 1.20 -13.25
C ARG C 109 -10.17 0.41 -13.59
N VAL C 110 -10.26 -0.41 -14.64
CA VAL C 110 -9.10 -1.13 -15.15
C VAL C 110 -8.30 -0.13 -15.96
N VAL C 111 -7.17 0.30 -15.42
CA VAL C 111 -6.38 1.35 -16.03
C VAL C 111 -5.49 0.76 -17.12
N SER C 112 -4.67 -0.20 -16.74
CA SER C 112 -3.82 -0.93 -17.69
C SER C 112 -3.97 -2.43 -17.49
N THR C 113 -3.89 -3.18 -18.56
CA THR C 113 -3.68 -4.62 -18.47
C THR C 113 -3.23 -5.15 -19.82
N ASN C 114 -2.41 -6.20 -19.77
CA ASN C 114 -2.11 -6.99 -20.96
C ASN C 114 -2.75 -8.38 -20.87
N TYR C 115 -3.59 -8.62 -19.86
CA TYR C 115 -4.37 -9.86 -19.68
C TYR C 115 -3.59 -11.12 -19.23
N ASN C 116 -2.41 -11.34 -19.78
CA ASN C 116 -1.61 -12.53 -19.48
C ASN C 116 -0.50 -12.36 -18.45
N GLN C 117 -0.10 -11.14 -18.12
CA GLN C 117 0.90 -10.96 -17.05
C GLN C 117 0.40 -10.09 -15.91
N HIS C 118 0.01 -8.86 -16.19
CA HIS C 118 -0.36 -7.94 -15.13
C HIS C 118 -1.48 -7.00 -15.50
N ALA C 119 -2.05 -6.39 -14.46
CA ALA C 119 -2.99 -5.23 -14.57
C ALA C 119 -2.85 -4.28 -13.39
N MET C 120 -3.25 -3.04 -13.60
CA MET C 120 -3.39 -2.06 -12.53
C MET C 120 -4.85 -1.63 -12.53
N VAL C 121 -5.45 -1.69 -11.35
CA VAL C 121 -6.86 -1.37 -11.19
C VAL C 121 -7.03 -0.32 -10.10
N PHE C 122 -7.90 0.65 -10.39
CA PHE C 122 -8.14 1.82 -9.55
C PHE C 122 -9.52 1.72 -8.93
N PHE C 123 -9.58 1.89 -7.61
CA PHE C 123 -10.81 1.78 -6.83
C PHE C 123 -11.05 3.08 -6.13
N LYS C 124 -12.31 3.46 -5.96
CA LYS C 124 -12.64 4.69 -5.22
C LYS C 124 -13.97 4.52 -4.50
N THR C 125 -14.02 4.93 -3.23
CA THR C 125 -15.24 4.87 -2.40
C THR C 125 -15.28 6.01 -1.42
N VAL C 126 -16.42 6.19 -0.76
CA VAL C 126 -16.67 7.26 0.16
C VAL C 126 -17.12 6.70 1.49
N ALA C 127 -16.71 7.37 2.57
CA ALA C 127 -17.19 7.08 3.89
C ALA C 127 -16.98 8.32 4.78
N GLN C 128 -17.97 8.65 5.60
CA GLN C 128 -17.95 9.87 6.43
C GLN C 128 -17.57 11.18 5.71
N ASN C 129 -18.11 11.37 4.52
CA ASN C 129 -17.87 12.55 3.69
C ASN C 129 -16.46 12.71 3.14
N ARG C 130 -15.67 11.62 3.13
CA ARG C 130 -14.29 11.64 2.67
C ARG C 130 -14.09 10.67 1.49
N GLU C 131 -13.39 11.11 0.44
CA GLU C 131 -13.08 10.24 -0.70
C GLU C 131 -11.80 9.44 -0.44
N TYR C 132 -11.89 8.12 -0.56
CA TYR C 132 -10.73 7.23 -0.49
C TYR C 132 -10.50 6.67 -1.87
N PHE C 133 -9.25 6.65 -2.32
CA PHE C 133 -8.90 5.91 -3.54
C PHE C 133 -7.76 4.95 -3.24
N PHE C 134 -7.60 3.96 -4.11
CA PHE C 134 -6.74 2.81 -3.86
C PHE C 134 -6.41 2.15 -5.18
N ILE C 135 -5.24 1.54 -5.29
CA ILE C 135 -4.80 0.94 -6.54
C ILE C 135 -4.21 -0.41 -6.25
N THR C 136 -4.61 -1.42 -7.01
CA THR C 136 -4.03 -2.73 -6.85
C THR C 136 -3.19 -3.00 -8.06
N LEU C 137 -2.06 -3.68 -7.83
CA LEU C 137 -1.22 -4.22 -8.88
C LEU C 137 -1.50 -5.73 -9.00
N TYR C 138 -2.33 -6.10 -9.97
CA TYR C 138 -2.69 -7.51 -10.23
C TYR C 138 -1.62 -8.22 -11.05
N GLY C 139 -1.31 -9.48 -10.70
CA GLY C 139 -0.44 -10.35 -11.50
C GLY C 139 -0.94 -11.79 -11.64
N ARG C 140 -0.80 -12.39 -12.81
CA ARG C 140 -1.18 -13.79 -13.03
C ARG C 140 -0.28 -14.72 -12.22
N THR C 141 0.97 -14.33 -11.97
CA THR C 141 1.84 -15.04 -11.02
C THR C 141 1.94 -14.22 -9.74
N LYS C 142 2.42 -14.86 -8.67
CA LYS C 142 2.74 -14.17 -7.41
C LYS C 142 4.01 -13.35 -7.49
N GLU C 143 4.92 -13.71 -8.40
CA GLU C 143 6.24 -13.08 -8.47
C GLU C 143 6.16 -11.75 -9.21
N LEU C 144 7.13 -10.89 -8.91
CA LEU C 144 7.11 -9.49 -9.34
C LEU C 144 8.49 -9.05 -9.78
N THR C 145 8.59 -8.57 -11.02
CA THR C 145 9.84 -8.05 -11.56
C THR C 145 10.07 -6.64 -11.00
N SER C 146 11.33 -6.25 -10.86
CA SER C 146 11.68 -4.91 -10.38
C SER C 146 11.28 -3.81 -11.39
N GLU C 147 11.24 -4.15 -12.68
CA GLU C 147 10.71 -3.24 -13.70
C GLU C 147 9.24 -2.92 -13.44
N LEU C 148 8.45 -3.93 -13.06
CA LEU C 148 7.03 -3.70 -12.79
C LEU C 148 6.76 -2.95 -11.46
N LYS C 149 7.58 -3.18 -10.44
CA LYS C 149 7.56 -2.36 -9.22
C LYS C 149 7.71 -0.89 -9.53
N GLU C 150 8.72 -0.58 -10.34
CA GLU C 150 9.04 0.79 -10.69
C GLU C 150 7.88 1.40 -11.45
N ASN C 151 7.33 0.66 -12.41
CA ASN C 151 6.20 1.17 -13.18
C ASN C 151 4.97 1.47 -12.32
N PHE C 152 4.71 0.59 -11.35
CA PHE C 152 3.64 0.78 -10.38
C PHE C 152 3.90 1.98 -9.49
N ILE C 153 5.11 2.07 -8.96
CA ILE C 153 5.53 3.22 -8.14
C ILE C 153 5.35 4.53 -8.90
N ARG C 154 5.82 4.59 -10.14
CA ARG C 154 5.66 5.79 -10.96
C ARG C 154 4.17 6.13 -11.18
N PHE C 155 3.32 5.14 -11.41
CA PHE C 155 1.88 5.41 -11.58
C PHE C 155 1.23 5.88 -10.25
N SER C 156 1.60 5.28 -9.14
CA SER C 156 1.08 5.73 -7.86
C SER C 156 1.46 7.18 -7.61
N LYS C 157 2.71 7.53 -7.89
CA LYS C 157 3.18 8.91 -7.73
C LYS C 157 2.50 9.88 -8.68
N SER C 158 2.12 9.43 -9.89
CA SER C 158 1.40 10.29 -10.82
C SER C 158 -0.01 10.67 -10.32
N LEU C 159 -0.55 9.87 -9.40
CA LEU C 159 -1.81 10.20 -8.71
C LEU C 159 -1.61 10.91 -7.35
N GLY C 160 -0.37 11.27 -7.03
CA GLY C 160 -0.07 12.02 -5.83
C GLY C 160 0.33 11.24 -4.61
N LEU C 161 0.49 9.93 -4.74
CA LEU C 161 0.83 9.08 -3.62
C LEU C 161 2.36 8.99 -3.43
N PRO C 162 2.89 9.44 -2.27
CA PRO C 162 4.30 9.23 -1.98
C PRO C 162 4.63 7.75 -1.75
N GLU C 163 5.91 7.45 -1.62
CA GLU C 163 6.39 6.09 -1.58
C GLU C 163 5.90 5.32 -0.37
N ASN C 164 5.66 5.99 0.75
CA ASN C 164 5.21 5.31 1.97
C ASN C 164 3.71 4.99 1.99
N HIS C 165 2.98 5.40 0.96
CA HIS C 165 1.62 4.94 0.72
C HIS C 165 1.54 3.75 -0.27
N ILE C 166 2.68 3.12 -0.55
CA ILE C 166 2.77 2.02 -1.51
C ILE C 166 3.32 0.80 -0.80
N VAL C 167 2.68 -0.34 -0.97
CA VAL C 167 3.01 -1.56 -0.24
C VAL C 167 3.02 -2.74 -1.16
N PHE C 168 4.04 -3.58 -1.00
CA PHE C 168 4.20 -4.81 -1.78
C PHE C 168 4.01 -6.01 -0.84
N PRO C 169 2.79 -6.57 -0.80
CA PRO C 169 2.47 -7.62 0.14
C PRO C 169 3.32 -8.89 0.02
N VAL C 170 3.60 -9.50 1.17
CA VAL C 170 4.45 -10.67 1.25
C VAL C 170 3.72 -11.86 0.59
N PRO C 171 4.39 -12.60 -0.33
CA PRO C 171 3.82 -13.84 -0.88
C PRO C 171 3.53 -14.90 0.18
N ILE C 172 2.43 -15.63 0.00
CA ILE C 172 2.05 -16.75 0.87
C ILE C 172 1.53 -17.91 0.04
N ASP C 173 1.63 -19.11 0.59
CA ASP C 173 1.18 -20.33 -0.09
C ASP C 173 -0.27 -20.70 0.27
N GLN C 174 -0.68 -20.42 1.51
CA GLN C 174 -1.99 -20.83 2.00
C GLN C 174 -3.11 -20.14 1.26
N CYS C 175 -4.20 -20.87 1.08
CA CYS C 175 -5.45 -20.40 0.47
C CYS C 175 -5.42 -20.03 -0.99
N ILE C 176 -4.39 -19.30 -1.41
CA ILE C 176 -4.42 -18.55 -2.65
C ILE C 176 -3.95 -19.33 -3.90
N ASP C 177 -3.84 -20.66 -3.83
CA ASP C 177 -3.58 -21.50 -5.03
C ASP C 177 -4.67 -22.59 -5.20
N PRO D 1 23.47 -32.37 49.35
CA PRO D 1 22.52 -31.36 48.87
C PRO D 1 21.09 -31.87 48.67
N LEU D 2 20.10 -31.02 48.98
CA LEU D 2 18.69 -31.30 48.70
C LEU D 2 18.45 -31.30 47.20
N SER D 3 18.03 -32.44 46.66
CA SER D 3 17.85 -32.58 45.21
C SER D 3 16.68 -31.71 44.70
N PRO D 4 16.89 -30.98 43.58
CA PRO D 4 15.83 -30.13 43.06
C PRO D 4 14.74 -30.97 42.37
N PRO D 5 13.51 -30.43 42.23
CA PRO D 5 12.50 -31.15 41.44
C PRO D 5 12.79 -31.10 39.93
N THR D 6 12.10 -31.95 39.16
CA THR D 6 12.28 -32.03 37.70
C THR D 6 10.91 -32.14 37.01
N ASN D 7 10.92 -32.18 35.68
CA ASN D 7 9.70 -32.19 34.84
C ASN D 7 8.81 -30.96 35.06
N LEU D 8 9.43 -29.78 35.09
CA LEU D 8 8.70 -28.53 35.29
C LEU D 8 7.90 -28.21 34.03
N HIS D 9 6.59 -28.07 34.20
CA HIS D 9 5.68 -27.76 33.10
C HIS D 9 4.88 -26.51 33.47
N LEU D 10 4.86 -25.55 32.55
CA LEU D 10 4.09 -24.31 32.70
C LEU D 10 2.93 -24.27 31.72
N GLU D 11 1.85 -23.58 32.10
CA GLU D 11 0.68 -23.43 31.24
C GLU D 11 -0.05 -22.13 31.57
N ALA D 12 0.08 -21.15 30.68
CA ALA D 12 -0.53 -19.83 30.84
C ALA D 12 -1.79 -19.76 29.98
N ASN D 13 -2.95 -19.72 30.65
CA ASN D 13 -4.25 -19.57 29.99
C ASN D 13 -4.46 -18.08 29.64
N PRO D 14 -4.67 -17.74 28.35
CA PRO D 14 -4.86 -16.32 28.00
C PRO D 14 -6.17 -15.70 28.52
N ASP D 15 -7.24 -16.48 28.56
CA ASP D 15 -8.59 -15.94 28.83
C ASP D 15 -8.78 -15.52 30.28
N THR D 16 -8.54 -16.45 31.21
CA THR D 16 -8.77 -16.22 32.65
C THR D 16 -7.61 -15.55 33.40
N GLY D 17 -6.38 -15.71 32.90
CA GLY D 17 -5.18 -15.13 33.53
C GLY D 17 -4.50 -16.01 34.56
N VAL D 18 -4.86 -17.31 34.57
CA VAL D 18 -4.34 -18.29 35.53
C VAL D 18 -3.14 -19.02 34.93
N LEU D 19 -2.03 -19.02 35.67
CA LEU D 19 -0.83 -19.79 35.32
C LEU D 19 -0.79 -21.03 36.20
N THR D 20 -0.95 -22.20 35.59
CA THR D 20 -0.78 -23.48 36.29
C THR D 20 0.68 -23.93 36.18
N VAL D 21 1.29 -24.21 37.34
CA VAL D 21 2.67 -24.66 37.44
C VAL D 21 2.65 -26.06 38.05
N SER D 22 3.27 -27.02 37.37
CA SER D 22 3.31 -28.41 37.86
C SER D 22 4.71 -29.02 37.74
N TRP D 23 4.93 -30.07 38.53
CA TRP D 23 6.23 -30.74 38.63
C TRP D 23 6.07 -32.15 39.20
N GLU D 24 7.11 -32.97 39.04
CA GLU D 24 7.17 -34.27 39.70
C GLU D 24 7.95 -34.09 41.00
N ARG D 25 7.52 -34.83 42.03
CA ARG D 25 8.04 -34.63 43.39
C ARG D 25 9.50 -35.07 43.54
N SER D 26 10.21 -34.43 44.48
CA SER D 26 11.64 -34.65 44.70
C SER D 26 11.92 -36.01 45.35
N THR D 27 13.14 -36.51 45.16
CA THR D 27 13.56 -37.82 45.70
C THR D 27 14.24 -37.72 47.08
N THR D 28 13.98 -36.65 47.84
CA THR D 28 14.49 -36.50 49.20
C THR D 28 13.59 -37.33 50.14
N PRO D 29 14.16 -37.89 51.24
CA PRO D 29 13.33 -38.61 52.22
C PRO D 29 12.22 -37.77 52.89
N ASP D 30 12.60 -36.72 53.62
CA ASP D 30 11.67 -35.91 54.41
C ASP D 30 11.69 -34.45 53.94
N ILE D 31 10.53 -33.94 53.55
CA ILE D 31 10.40 -32.57 53.01
C ILE D 31 9.21 -31.84 53.62
N THR D 32 9.36 -30.53 53.85
CA THR D 32 8.27 -29.68 54.34
C THR D 32 7.26 -29.42 53.22
N GLY D 33 7.77 -29.05 52.04
CA GLY D 33 6.92 -28.78 50.88
C GLY D 33 7.72 -28.18 49.74
N TYR D 34 7.06 -27.29 48.98
CA TYR D 34 7.69 -26.59 47.86
C TYR D 34 7.32 -25.11 47.87
N ARG D 35 8.30 -24.25 47.59
CA ARG D 35 8.11 -22.79 47.61
C ARG D 35 8.22 -22.27 46.19
N ILE D 36 7.10 -21.75 45.67
CA ILE D 36 6.98 -21.33 44.26
C ILE D 36 6.96 -19.80 44.19
N THR D 37 7.92 -19.23 43.45
CA THR D 37 8.04 -17.78 43.27
C THR D 37 7.92 -17.38 41.81
N THR D 38 6.78 -16.77 41.47
CA THR D 38 6.53 -16.16 40.17
C THR D 38 6.99 -14.69 40.27
N THR D 39 8.08 -14.35 39.57
CA THR D 39 8.68 -13.01 39.64
C THR D 39 8.90 -12.46 38.22
N PRO D 40 8.50 -11.19 37.96
CA PRO D 40 8.70 -10.60 36.63
C PRO D 40 10.19 -10.33 36.30
N THR D 41 10.54 -10.33 35.02
CA THR D 41 11.93 -10.16 34.58
C THR D 41 12.36 -8.69 34.56
N ASN D 42 11.61 -7.87 33.84
CA ASN D 42 11.89 -6.43 33.72
C ASN D 42 11.15 -5.59 34.79
N GLY D 43 9.91 -5.97 35.10
CA GLY D 43 9.16 -5.40 36.23
C GLY D 43 9.80 -5.76 37.58
N GLN D 44 9.62 -4.89 38.58
CA GLN D 44 10.40 -4.96 39.84
C GLN D 44 9.73 -4.36 41.08
N GLN D 45 9.29 -3.10 40.98
CA GLN D 45 8.72 -2.35 42.11
C GLN D 45 7.43 -3.00 42.61
N GLY D 46 7.53 -3.79 43.69
CA GLY D 46 6.37 -4.45 44.29
C GLY D 46 6.14 -5.86 43.77
N ASN D 47 5.86 -5.99 42.46
CA ASN D 47 5.45 -7.25 41.83
C ASN D 47 6.45 -8.40 42.04
N SER D 48 6.02 -9.40 42.82
CA SER D 48 6.81 -10.61 43.12
C SER D 48 5.93 -11.63 43.88
N LEU D 49 5.19 -12.46 43.14
CA LEU D 49 4.19 -13.38 43.73
C LEU D 49 4.80 -14.62 44.38
N GLU D 50 4.04 -15.26 45.27
CA GLU D 50 4.45 -16.48 45.97
C GLU D 50 3.26 -17.33 46.45
N GLU D 51 3.45 -18.64 46.49
CA GLU D 51 2.50 -19.56 47.13
C GLU D 51 3.18 -20.87 47.56
N VAL D 52 3.07 -21.19 48.86
CA VAL D 52 3.66 -22.40 49.45
C VAL D 52 2.62 -23.51 49.56
N VAL D 53 2.99 -24.73 49.16
CA VAL D 53 2.08 -25.90 49.18
C VAL D 53 2.72 -27.07 49.94
N HIS D 54 1.89 -28.08 50.23
CA HIS D 54 2.30 -29.25 51.03
C HIS D 54 3.21 -30.22 50.25
N ALA D 55 3.75 -31.20 50.96
CA ALA D 55 4.70 -32.17 50.39
C ALA D 55 4.11 -33.05 49.29
N ASP D 56 2.87 -33.48 49.46
CA ASP D 56 2.17 -34.31 48.44
C ASP D 56 1.50 -33.49 47.31
N GLN D 57 1.35 -32.18 47.49
CA GLN D 57 0.79 -31.29 46.44
C GLN D 57 1.82 -31.08 45.33
N SER D 58 1.49 -31.50 44.11
CA SER D 58 2.41 -31.44 42.97
C SER D 58 2.07 -30.36 41.92
N SER D 59 1.29 -29.34 42.30
CA SER D 59 1.00 -28.18 41.42
C SER D 59 0.42 -26.99 42.19
N CYS D 60 0.36 -25.83 41.53
CA CYS D 60 -0.17 -24.60 42.13
C CYS D 60 -0.70 -23.62 41.07
N THR D 61 -1.35 -22.54 41.52
CA THR D 61 -1.94 -21.53 40.63
C THR D 61 -1.70 -20.07 41.09
N PHE D 62 -1.63 -19.16 40.11
CA PHE D 62 -1.51 -17.71 40.33
C PHE D 62 -2.47 -17.03 39.36
N ASP D 63 -3.58 -16.50 39.87
CA ASP D 63 -4.75 -16.17 39.02
C ASP D 63 -4.95 -14.66 38.67
N ASN D 64 -3.86 -13.92 38.50
CA ASN D 64 -3.95 -12.48 38.13
C ASN D 64 -2.67 -11.88 37.49
N LEU D 65 -1.97 -12.68 36.69
CA LEU D 65 -0.71 -12.24 36.07
C LEU D 65 -0.94 -11.24 34.96
N SER D 66 0.00 -10.31 34.78
CA SER D 66 -0.11 -9.31 33.72
C SER D 66 0.21 -9.92 32.33
N PRO D 67 -0.66 -9.67 31.33
CA PRO D 67 -0.28 -9.98 29.95
C PRO D 67 0.84 -9.08 29.44
N GLY D 68 1.74 -9.63 28.62
CA GLY D 68 2.78 -8.84 27.95
C GLY D 68 4.15 -8.90 28.61
N LEU D 69 4.18 -8.83 29.95
CA LEU D 69 5.43 -8.94 30.74
C LEU D 69 5.99 -10.36 30.69
N GLU D 70 7.32 -10.47 30.80
CA GLU D 70 7.97 -11.76 30.98
C GLU D 70 8.02 -12.09 32.48
N TYR D 71 7.84 -13.36 32.81
CA TYR D 71 7.90 -13.85 34.20
C TYR D 71 8.84 -15.05 34.29
N ASN D 72 9.49 -15.22 35.45
CA ASN D 72 10.31 -16.40 35.72
C ASN D 72 9.79 -17.14 36.96
N VAL D 73 9.39 -18.39 36.76
CA VAL D 73 8.82 -19.24 37.80
C VAL D 73 9.92 -20.17 38.32
N SER D 74 10.13 -20.16 39.65
CA SER D 74 11.12 -21.01 40.30
C SER D 74 10.44 -21.92 41.31
N VAL D 75 10.94 -23.16 41.44
CA VAL D 75 10.45 -24.15 42.39
C VAL D 75 11.63 -24.65 43.25
N TYR D 76 11.45 -24.60 44.57
CA TYR D 76 12.44 -25.13 45.53
C TYR D 76 11.83 -26.26 46.36
N THR D 77 12.65 -27.21 46.76
CA THR D 77 12.25 -28.25 47.72
C THR D 77 12.60 -27.74 49.12
N VAL D 78 11.59 -27.59 49.98
CA VAL D 78 11.76 -27.07 51.34
C VAL D 78 11.99 -28.20 52.34
N LYS D 79 12.89 -27.98 53.30
CA LYS D 79 13.08 -28.85 54.45
C LYS D 79 13.42 -27.98 55.67
N ASP D 80 12.38 -27.48 56.33
CA ASP D 80 12.49 -26.61 57.52
C ASP D 80 13.19 -25.26 57.23
N ASP D 81 14.53 -25.26 57.23
CA ASP D 81 15.33 -24.05 57.11
C ASP D 81 15.94 -23.94 55.70
N LYS D 82 16.74 -24.94 55.34
CA LYS D 82 17.49 -24.95 54.06
C LYS D 82 16.63 -25.44 52.89
N GLU D 83 17.04 -25.06 51.68
CA GLU D 83 16.30 -25.34 50.45
C GLU D 83 17.20 -25.84 49.33
N SER D 84 16.58 -26.41 48.31
CA SER D 84 17.31 -26.96 47.16
C SER D 84 17.83 -25.85 46.24
N VAL D 85 18.57 -26.24 45.21
CA VAL D 85 18.98 -25.34 44.13
C VAL D 85 17.75 -25.18 43.21
N PRO D 86 17.54 -23.97 42.64
CA PRO D 86 16.37 -23.70 41.75
C PRO D 86 16.18 -24.63 40.53
N ILE D 87 14.93 -24.76 40.10
CA ILE D 87 14.58 -25.22 38.74
C ILE D 87 13.65 -24.15 38.12
N SER D 88 14.05 -23.59 36.97
CA SER D 88 13.38 -22.42 36.40
C SER D 88 13.19 -22.45 34.88
N ASP D 89 12.21 -21.66 34.43
CA ASP D 89 12.02 -21.36 33.02
C ASP D 89 11.21 -20.05 32.91
N THR D 90 11.38 -19.36 31.78
CA THR D 90 10.73 -18.08 31.52
C THR D 90 9.51 -18.27 30.63
N ILE D 91 8.48 -17.44 30.85
CA ILE D 91 7.24 -17.47 30.05
C ILE D 91 6.57 -16.08 29.93
N ILE D 92 6.06 -15.79 28.74
CA ILE D 92 5.36 -14.53 28.45
C ILE D 92 3.88 -14.88 28.22
N PRO D 93 2.98 -14.46 29.14
CA PRO D 93 1.54 -14.59 28.88
C PRO D 93 1.07 -13.66 27.76
N GLU D 94 0.29 -14.20 26.83
CA GLU D 94 -0.21 -13.45 25.67
C GLU D 94 -1.24 -12.41 26.08
N VAL D 95 -1.42 -11.44 25.19
CA VAL D 95 -2.45 -10.41 25.34
C VAL D 95 -3.77 -11.00 24.83
N PRO D 96 -4.81 -11.02 25.69
CA PRO D 96 -6.06 -11.71 25.30
C PRO D 96 -6.89 -10.92 24.29
N GLN D 97 -7.62 -11.66 23.45
CA GLN D 97 -8.54 -11.10 22.47
C GLN D 97 -9.94 -11.02 23.07
N LEU D 98 -10.86 -10.48 22.28
CA LEU D 98 -12.28 -10.53 22.62
C LEU D 98 -12.85 -11.86 22.13
N THR D 99 -13.52 -12.59 23.03
CA THR D 99 -14.14 -13.88 22.67
C THR D 99 -15.59 -13.78 22.17
N ASP D 100 -16.25 -12.63 22.36
CA ASP D 100 -17.68 -12.48 22.04
C ASP D 100 -18.06 -11.19 21.26
N LEU D 101 -17.21 -10.77 20.34
CA LEU D 101 -17.55 -9.61 19.51
C LEU D 101 -18.73 -9.93 18.59
N SER D 102 -19.82 -9.17 18.73
CA SER D 102 -20.99 -9.32 17.87
C SER D 102 -21.44 -7.95 17.32
N PHE D 103 -22.17 -7.98 16.20
CA PHE D 103 -22.73 -6.77 15.57
C PHE D 103 -24.20 -6.58 15.92
N VAL D 104 -24.61 -5.33 16.03
CA VAL D 104 -26.00 -4.96 16.33
C VAL D 104 -26.37 -3.69 15.57
N ASP D 105 -27.66 -3.36 15.59
CA ASP D 105 -28.20 -2.15 14.94
C ASP D 105 -27.58 -1.89 13.57
N ILE D 106 -27.63 -2.92 12.72
CA ILE D 106 -27.07 -2.81 11.38
C ILE D 106 -28.07 -2.10 10.51
N THR D 107 -27.70 -0.90 10.04
CA THR D 107 -28.56 -0.08 9.20
C THR D 107 -27.89 0.11 7.84
N ASP D 108 -28.56 0.86 6.97
CA ASP D 108 -28.01 1.15 5.65
C ASP D 108 -26.74 1.99 5.67
N SER D 109 -26.42 2.63 6.80
CA SER D 109 -25.25 3.50 6.89
C SER D 109 -24.41 3.33 8.14
N SER D 110 -24.68 2.32 8.96
CA SER D 110 -23.96 2.17 10.20
C SER D 110 -24.00 0.75 10.75
N ILE D 111 -22.94 0.40 11.44
CA ILE D 111 -22.82 -0.90 12.05
C ILE D 111 -22.47 -0.68 13.52
N GLY D 112 -23.11 -1.43 14.41
CA GLY D 112 -22.92 -1.31 15.84
C GLY D 112 -22.21 -2.53 16.36
N LEU D 113 -21.32 -2.33 17.34
CA LEU D 113 -20.46 -3.38 17.89
C LEU D 113 -20.69 -3.54 19.40
N ARG D 114 -20.75 -4.79 19.86
CA ARG D 114 -20.83 -5.09 21.28
C ARG D 114 -19.99 -6.28 21.66
N TRP D 115 -19.38 -6.19 22.84
CA TRP D 115 -18.47 -7.20 23.36
C TRP D 115 -18.38 -7.10 24.88
N THR D 116 -17.88 -8.15 25.53
CA THR D 116 -17.68 -8.15 26.98
C THR D 116 -16.27 -7.68 27.25
N PRO D 117 -16.12 -6.53 27.94
CA PRO D 117 -14.76 -6.08 28.25
C PRO D 117 -14.00 -7.08 29.12
N LEU D 118 -12.68 -7.16 28.91
CA LEU D 118 -11.81 -8.11 29.59
C LEU D 118 -11.33 -7.53 30.92
N ASN D 119 -10.99 -8.41 31.87
CA ASN D 119 -10.50 -8.00 33.20
C ASN D 119 -8.98 -8.01 33.27
N SER D 120 -8.38 -6.83 33.33
CA SER D 120 -6.95 -6.69 33.50
C SER D 120 -6.64 -5.21 33.65
N SER D 121 -5.99 -4.81 34.74
CA SER D 121 -5.54 -3.42 34.91
C SER D 121 -4.52 -3.04 33.83
N THR D 122 -3.78 -4.04 33.33
CA THR D 122 -2.83 -3.88 32.22
C THR D 122 -3.45 -3.28 30.96
N ILE D 123 -4.66 -3.73 30.63
CA ILE D 123 -5.35 -3.32 29.40
C ILE D 123 -5.69 -1.83 29.43
N ILE D 124 -5.10 -1.06 28.51
CA ILE D 124 -5.37 0.38 28.40
C ILE D 124 -6.62 0.67 27.57
N GLY D 125 -6.88 -0.14 26.55
CA GLY D 125 -8.09 0.03 25.75
C GLY D 125 -8.26 -1.00 24.64
N TYR D 126 -9.12 -0.69 23.67
CA TYR D 126 -9.32 -1.52 22.50
C TYR D 126 -9.29 -0.62 21.27
N ARG D 127 -8.57 -1.03 20.24
CA ARG D 127 -8.57 -0.32 18.94
C ARG D 127 -9.61 -0.91 18.00
N ILE D 128 -10.30 -0.02 17.28
CA ILE D 128 -11.34 -0.42 16.33
C ILE D 128 -10.90 0.05 14.96
N THR D 129 -10.91 -0.86 14.00
CA THR D 129 -10.35 -0.64 12.68
C THR D 129 -11.38 -1.06 11.67
N VAL D 130 -11.72 -0.15 10.76
CA VAL D 130 -12.73 -0.38 9.75
C VAL D 130 -12.08 -0.26 8.38
N VAL D 131 -12.38 -1.22 7.52
CA VAL D 131 -11.76 -1.36 6.23
C VAL D 131 -12.84 -1.76 5.22
N ALA D 132 -12.79 -1.20 4.01
CA ALA D 132 -13.66 -1.65 2.93
C ALA D 132 -13.16 -3.03 2.53
N ALA D 133 -14.03 -4.03 2.60
CA ALA D 133 -13.60 -5.44 2.37
C ALA D 133 -13.37 -5.69 0.89
N GLY D 134 -12.67 -6.75 0.57
CA GLY D 134 -12.27 -7.06 -0.80
C GLY D 134 -10.86 -6.58 -1.00
N GLU D 135 -10.71 -5.30 -1.36
CA GLU D 135 -9.39 -4.72 -1.60
C GLU D 135 -8.67 -4.40 -0.30
N GLY D 136 -9.45 -4.23 0.77
CA GLY D 136 -8.94 -3.95 2.07
C GLY D 136 -8.54 -2.50 2.23
N ILE D 137 -9.36 -1.59 1.70
CA ILE D 137 -9.05 -0.15 1.74
C ILE D 137 -9.29 0.34 3.15
N PRO D 138 -8.27 0.92 3.81
CA PRO D 138 -8.53 1.43 5.14
C PRO D 138 -9.52 2.61 5.09
N ILE D 139 -10.48 2.62 6.02
CA ILE D 139 -11.48 3.66 6.17
C ILE D 139 -11.15 4.46 7.43
N PHE D 140 -11.21 3.85 8.61
CA PHE D 140 -10.62 4.48 9.83
C PHE D 140 -10.24 3.56 10.99
N GLU D 141 -9.45 4.12 11.91
CA GLU D 141 -9.17 3.56 13.24
C GLU D 141 -9.78 4.50 14.27
N ASP D 142 -10.16 3.97 15.42
CA ASP D 142 -10.57 4.77 16.58
C ASP D 142 -10.16 4.00 17.81
N PHE D 143 -10.23 4.63 18.98
CA PHE D 143 -9.83 4.01 20.25
C PHE D 143 -10.95 4.20 21.29
N VAL D 144 -11.12 3.20 22.16
CA VAL D 144 -11.98 3.33 23.36
C VAL D 144 -11.24 2.74 24.54
N ASP D 145 -11.51 3.22 25.75
CA ASP D 145 -10.78 2.73 26.93
C ASP D 145 -11.35 1.42 27.45
N SER D 146 -10.66 0.84 28.44
CA SER D 146 -10.88 -0.54 28.87
C SER D 146 -12.29 -0.89 29.32
N SER D 147 -13.00 0.07 29.91
CA SER D 147 -14.38 -0.12 30.38
C SER D 147 -15.42 -0.19 29.26
N VAL D 148 -15.11 0.44 28.12
CA VAL D 148 -16.05 0.56 27.01
C VAL D 148 -16.19 -0.81 26.33
N GLY D 149 -17.44 -1.23 26.13
CA GLY D 149 -17.78 -2.50 25.48
C GLY D 149 -18.80 -2.34 24.38
N TYR D 150 -18.80 -1.17 23.73
CA TYR D 150 -19.72 -0.85 22.63
C TYR D 150 -19.09 0.23 21.75
N TYR D 151 -19.42 0.19 20.46
CA TYR D 151 -19.01 1.21 19.50
C TYR D 151 -19.93 1.16 18.28
N THR D 152 -20.13 2.33 17.64
CA THR D 152 -20.97 2.46 16.47
C THR D 152 -20.18 3.06 15.31
N VAL D 153 -19.96 2.27 14.27
CA VAL D 153 -19.36 2.77 13.02
C VAL D 153 -20.47 3.42 12.24
N THR D 154 -20.30 4.68 11.90
CA THR D 154 -21.29 5.45 11.15
C THR D 154 -20.66 6.01 9.90
N GLY D 155 -21.52 6.47 8.99
CA GLY D 155 -21.11 7.10 7.74
C GLY D 155 -20.78 6.13 6.63
N LEU D 156 -21.16 4.87 6.80
CA LEU D 156 -20.91 3.87 5.79
C LEU D 156 -21.90 4.03 4.64
N GLU D 157 -21.64 3.29 3.58
CA GLU D 157 -22.36 3.39 2.32
C GLU D 157 -23.24 2.12 2.23
N PRO D 158 -24.44 2.21 1.63
CA PRO D 158 -25.34 1.09 1.71
C PRO D 158 -24.98 -0.01 0.75
N GLY D 159 -25.20 -1.24 1.20
CA GLY D 159 -24.90 -2.42 0.40
C GLY D 159 -23.44 -2.78 0.23
N ILE D 160 -22.52 -2.08 0.90
CA ILE D 160 -21.07 -2.32 0.77
C ILE D 160 -20.65 -3.25 1.90
N ASP D 161 -19.65 -4.09 1.64
CA ASP D 161 -19.08 -4.98 2.66
C ASP D 161 -17.89 -4.32 3.37
N TYR D 162 -17.85 -4.43 4.70
CA TYR D 162 -16.79 -3.86 5.51
C TYR D 162 -16.24 -4.89 6.52
N ASP D 163 -14.91 -4.98 6.60
CA ASP D 163 -14.22 -5.71 7.66
C ASP D 163 -14.01 -4.75 8.81
N ILE D 164 -14.48 -5.14 9.98
CA ILE D 164 -14.37 -4.36 11.18
C ILE D 164 -13.64 -5.26 12.14
N SER D 165 -12.54 -4.78 12.74
CA SER D 165 -11.78 -5.62 13.68
C SER D 165 -11.54 -4.90 15.00
N VAL D 166 -11.44 -5.66 16.08
CA VAL D 166 -11.15 -5.11 17.43
C VAL D 166 -9.89 -5.73 18.03
N ILE D 167 -9.02 -4.89 18.57
CA ILE D 167 -7.69 -5.28 19.04
C ILE D 167 -7.55 -4.87 20.50
N THR D 168 -7.15 -5.80 21.36
CA THR D 168 -6.91 -5.47 22.76
C THR D 168 -5.55 -4.80 22.88
N LEU D 169 -5.50 -3.69 23.61
CA LEU D 169 -4.29 -2.89 23.76
C LEU D 169 -3.80 -2.90 25.20
N ILE D 170 -2.53 -3.29 25.38
CA ILE D 170 -1.78 -3.01 26.60
C ILE D 170 -0.78 -1.93 26.26
N ASN D 171 -0.03 -1.46 27.24
CA ASN D 171 1.02 -0.49 27.00
C ASN D 171 2.21 -1.19 26.29
N GLY D 172 2.52 -0.72 25.07
CA GLY D 172 3.66 -1.23 24.30
C GLY D 172 3.50 -2.58 23.59
N GLY D 173 2.28 -3.11 23.60
CA GLY D 173 1.96 -4.37 22.91
C GLY D 173 0.51 -4.37 22.48
N GLU D 174 0.08 -5.44 21.82
CA GLU D 174 -1.33 -5.59 21.42
C GLU D 174 -1.65 -7.03 21.10
N SER D 175 -2.95 -7.36 21.14
CA SER D 175 -3.41 -8.72 20.83
C SER D 175 -3.59 -8.92 19.34
N ALA D 176 -3.73 -10.18 18.96
CA ALA D 176 -4.07 -10.50 17.59
C ALA D 176 -5.47 -9.94 17.29
N PRO D 177 -5.69 -9.50 16.05
CA PRO D 177 -6.98 -8.88 15.78
C PRO D 177 -8.12 -9.90 15.76
N THR D 178 -9.29 -9.44 16.16
CA THR D 178 -10.52 -10.21 16.02
C THR D 178 -11.28 -9.53 14.88
N THR D 179 -11.32 -10.15 13.70
CA THR D 179 -11.94 -9.54 12.52
C THR D 179 -13.29 -10.20 12.14
N LEU D 180 -14.27 -9.37 11.79
CA LEU D 180 -15.55 -9.84 11.25
C LEU D 180 -15.93 -9.03 10.02
N THR D 181 -16.77 -9.63 9.17
CA THR D 181 -17.25 -8.96 7.96
C THR D 181 -18.78 -8.77 7.99
N GLN D 182 -19.20 -7.61 7.48
CA GLN D 182 -20.58 -7.19 7.57
C GLN D 182 -20.90 -6.23 6.46
N GLN D 183 -22.06 -6.47 5.85
CA GLN D 183 -22.60 -5.65 4.80
C GLN D 183 -23.69 -4.75 5.36
N THR D 184 -23.63 -3.46 5.04
CA THR D 184 -24.69 -2.54 5.42
C THR D 184 -26.01 -2.85 4.71
N ALA D 185 -27.12 -2.51 5.38
CA ALA D 185 -28.47 -2.86 4.93
C ALA D 185 -28.94 -2.16 3.66
N VAL D 186 -29.98 -2.73 3.05
CA VAL D 186 -30.73 -2.06 1.98
C VAL D 186 -31.55 -0.96 2.65
N PRO D 187 -31.53 0.26 2.10
CA PRO D 187 -32.27 1.33 2.78
C PRO D 187 -33.77 1.19 2.58
N PRO D 188 -34.57 1.37 3.66
CA PRO D 188 -36.02 1.24 3.55
C PRO D 188 -36.68 2.44 2.89
N PRO D 189 -37.93 2.28 2.45
CA PRO D 189 -38.71 3.42 2.01
C PRO D 189 -39.17 4.20 3.21
N THR D 190 -39.62 5.43 2.99
CA THR D 190 -40.08 6.30 4.08
C THR D 190 -41.40 6.95 3.71
N ASP D 191 -42.02 7.57 4.71
CA ASP D 191 -43.11 8.53 4.52
C ASP D 191 -44.36 7.83 3.94
N LEU D 192 -44.92 6.93 4.74
CA LEU D 192 -46.06 6.10 4.31
C LEU D 192 -47.36 6.85 4.46
N ARG D 193 -48.08 6.99 3.35
CA ARG D 193 -49.33 7.72 3.28
C ARG D 193 -50.42 6.83 2.64
N PHE D 194 -51.62 6.94 3.20
CA PHE D 194 -52.81 6.28 2.68
C PHE D 194 -53.79 7.31 2.15
N THR D 195 -54.34 7.06 0.97
CA THR D 195 -55.30 7.97 0.32
C THR D 195 -56.39 7.21 -0.42
N ASN D 196 -57.40 7.97 -0.86
CA ASN D 196 -58.49 7.44 -1.67
C ASN D 196 -59.09 6.24 -1.00
N ILE D 197 -59.47 6.45 0.26
CA ILE D 197 -59.96 5.40 1.13
C ILE D 197 -61.42 5.21 0.80
N GLY D 198 -61.75 4.02 0.32
CA GLY D 198 -63.13 3.57 0.16
C GLY D 198 -63.41 2.47 1.17
N PRO D 199 -64.60 1.85 1.08
CA PRO D 199 -64.93 0.75 1.98
C PRO D 199 -64.19 -0.56 1.67
N ASP D 200 -63.76 -0.75 0.42
CA ASP D 200 -63.14 -2.01 0.00
C ASP D 200 -61.73 -1.83 -0.59
N THR D 201 -61.18 -0.63 -0.46
CA THR D 201 -59.96 -0.27 -1.16
C THR D 201 -59.23 0.91 -0.51
N MET D 202 -57.92 0.96 -0.73
CA MET D 202 -57.10 2.12 -0.36
C MET D 202 -55.86 2.17 -1.24
N ARG D 203 -55.27 3.36 -1.31
CA ARG D 203 -54.03 3.56 -2.00
C ARG D 203 -52.91 3.81 -1.01
N VAL D 204 -51.89 2.95 -1.09
CA VAL D 204 -50.73 3.05 -0.21
C VAL D 204 -49.63 3.69 -1.03
N THR D 205 -49.04 4.75 -0.48
CA THR D 205 -47.93 5.44 -1.13
C THR D 205 -46.75 5.63 -0.19
N TRP D 206 -45.54 5.53 -0.74
CA TRP D 206 -44.29 5.74 0.01
C TRP D 206 -43.31 6.55 -0.82
N ALA D 207 -42.33 7.14 -0.14
CA ALA D 207 -41.17 7.74 -0.78
C ALA D 207 -40.11 6.66 -0.96
N PRO D 208 -39.53 6.54 -2.16
CA PRO D 208 -38.43 5.57 -2.27
C PRO D 208 -37.18 5.99 -1.49
N PRO D 209 -36.20 5.09 -1.39
CA PRO D 209 -34.84 5.54 -1.05
C PRO D 209 -34.12 6.15 -2.28
N PRO D 210 -33.78 7.45 -2.24
CA PRO D 210 -33.35 8.13 -3.47
C PRO D 210 -32.07 7.56 -4.08
N SER D 211 -32.10 7.36 -5.39
CA SER D 211 -30.96 6.90 -6.18
C SER D 211 -30.49 5.47 -5.86
N ILE D 212 -31.33 4.68 -5.20
CA ILE D 212 -31.02 3.29 -4.91
C ILE D 212 -31.78 2.46 -5.95
N ASP D 213 -31.05 1.65 -6.73
CA ASP D 213 -31.62 0.81 -7.81
C ASP D 213 -31.99 -0.55 -7.27
N LEU D 214 -33.23 -0.65 -6.79
CA LEU D 214 -33.77 -1.86 -6.15
C LEU D 214 -34.28 -2.85 -7.21
N THR D 215 -34.49 -4.11 -6.83
CA THR D 215 -35.12 -5.05 -7.77
C THR D 215 -36.64 -4.96 -7.67
N ASN D 216 -37.17 -4.67 -6.49
CA ASN D 216 -38.61 -4.39 -6.32
C ASN D 216 -38.94 -3.85 -4.91
N PHE D 217 -40.13 -3.30 -4.73
CA PHE D 217 -40.70 -3.09 -3.38
C PHE D 217 -41.66 -4.22 -3.09
N LEU D 218 -41.73 -4.60 -1.82
CA LEU D 218 -42.60 -5.69 -1.34
C LEU D 218 -43.60 -5.13 -0.36
N VAL D 219 -44.90 -5.32 -0.64
CA VAL D 219 -46.01 -4.79 0.19
C VAL D 219 -46.70 -5.95 0.91
N ARG D 220 -46.83 -5.85 2.24
CA ARG D 220 -47.55 -6.85 3.02
C ARG D 220 -48.72 -6.20 3.76
N TYR D 221 -49.90 -6.82 3.68
CA TYR D 221 -51.07 -6.30 4.42
C TYR D 221 -51.92 -7.41 5.01
N SER D 222 -52.47 -7.11 6.18
CA SER D 222 -53.43 -7.97 6.86
C SER D 222 -54.22 -7.13 7.85
N PRO D 223 -55.40 -7.64 8.29
CA PRO D 223 -56.13 -6.96 9.36
C PRO D 223 -55.41 -7.04 10.70
N VAL D 224 -55.70 -6.07 11.57
CA VAL D 224 -55.10 -6.04 12.90
C VAL D 224 -55.61 -7.24 13.70
N LYS D 225 -56.86 -7.62 13.46
CA LYS D 225 -57.53 -8.69 14.22
C LYS D 225 -57.32 -10.11 13.66
N ASN D 226 -56.58 -10.25 12.56
CA ASN D 226 -56.19 -11.56 12.02
C ASN D 226 -54.92 -11.41 11.17
N GLU D 227 -53.82 -11.10 11.85
CA GLU D 227 -52.51 -10.88 11.21
C GLU D 227 -51.95 -12.09 10.43
N GLU D 228 -52.38 -13.29 10.79
CA GLU D 228 -51.98 -14.52 10.07
C GLU D 228 -52.39 -14.50 8.58
N ASP D 229 -53.52 -13.87 8.27
CA ASP D 229 -54.00 -13.70 6.88
C ASP D 229 -53.30 -12.53 6.17
N VAL D 230 -52.00 -12.71 5.90
CA VAL D 230 -51.21 -11.70 5.16
C VAL D 230 -51.31 -11.94 3.67
N ALA D 231 -51.25 -10.86 2.91
CA ALA D 231 -51.05 -10.90 1.48
C ALA D 231 -49.70 -10.25 1.19
N GLU D 232 -49.06 -10.68 0.10
CA GLU D 232 -47.81 -10.10 -0.38
C GLU D 232 -48.08 -9.58 -1.78
N LEU D 233 -47.79 -8.32 -2.05
CA LEU D 233 -47.71 -7.84 -3.44
C LEU D 233 -46.26 -7.49 -3.74
N SER D 234 -45.79 -7.83 -4.94
CA SER D 234 -44.48 -7.42 -5.40
C SER D 234 -44.62 -6.28 -6.41
N ILE D 235 -44.22 -5.07 -5.99
CA ILE D 235 -44.39 -3.83 -6.75
C ILE D 235 -43.13 -3.55 -7.55
N SER D 236 -43.26 -3.01 -8.76
CA SER D 236 -42.08 -2.80 -9.59
C SER D 236 -41.26 -1.69 -8.95
N PRO D 237 -39.91 -1.70 -9.11
CA PRO D 237 -39.08 -0.80 -8.31
C PRO D 237 -39.14 0.67 -8.73
N SER D 238 -39.72 0.97 -9.90
CA SER D 238 -39.95 2.35 -10.32
C SER D 238 -41.38 2.85 -10.00
N ASP D 239 -42.17 2.10 -9.25
CA ASP D 239 -43.45 2.61 -8.76
C ASP D 239 -43.27 2.98 -7.31
N ASN D 240 -44.05 3.94 -6.85
CA ASN D 240 -43.96 4.39 -5.45
C ASN D 240 -45.29 4.19 -4.68
N ALA D 241 -46.23 3.42 -5.27
CA ALA D 241 -47.56 3.23 -4.71
C ALA D 241 -48.31 2.00 -5.28
N VAL D 242 -49.26 1.50 -4.48
CA VAL D 242 -50.18 0.42 -4.92
C VAL D 242 -51.60 0.67 -4.39
N VAL D 243 -52.59 0.23 -5.16
CA VAL D 243 -54.01 0.24 -4.78
C VAL D 243 -54.42 -1.13 -4.24
N LEU D 244 -54.71 -1.20 -2.94
CA LEU D 244 -55.20 -2.42 -2.32
C LEU D 244 -56.70 -2.56 -2.60
N THR D 245 -57.16 -3.79 -2.86
CA THR D 245 -58.58 -4.06 -3.12
C THR D 245 -59.05 -5.36 -2.44
N ASN D 246 -60.35 -5.61 -2.53
CA ASN D 246 -61.04 -6.74 -1.89
C ASN D 246 -60.89 -6.70 -0.38
N LEU D 247 -60.88 -5.50 0.19
CA LEU D 247 -60.75 -5.31 1.63
C LEU D 247 -62.14 -5.30 2.25
N LEU D 248 -62.20 -5.69 3.52
CA LEU D 248 -63.45 -5.69 4.27
C LEU D 248 -63.74 -4.26 4.74
N PRO D 249 -65.02 -3.85 4.72
CA PRO D 249 -65.37 -2.52 5.26
C PRO D 249 -65.20 -2.38 6.78
N GLY D 250 -65.04 -1.14 7.24
CA GLY D 250 -64.89 -0.81 8.67
C GLY D 250 -63.87 -1.65 9.41
N THR D 251 -62.75 -1.93 8.75
CA THR D 251 -61.71 -2.84 9.27
C THR D 251 -60.37 -2.12 9.24
N GLU D 252 -59.58 -2.25 10.31
CA GLU D 252 -58.23 -1.70 10.37
C GLU D 252 -57.23 -2.68 9.77
N TYR D 253 -56.43 -2.21 8.82
CA TYR D 253 -55.35 -2.98 8.19
C TYR D 253 -54.00 -2.41 8.63
N VAL D 254 -53.06 -3.29 9.00
CA VAL D 254 -51.62 -2.92 9.07
C VAL D 254 -51.04 -3.18 7.70
N VAL D 255 -50.32 -2.20 7.17
CA VAL D 255 -49.65 -2.33 5.88
C VAL D 255 -48.17 -2.04 6.14
N SER D 256 -47.30 -2.76 5.44
CA SER D 256 -45.86 -2.55 5.53
C SER D 256 -45.19 -2.66 4.15
N VAL D 257 -44.32 -1.71 3.82
CA VAL D 257 -43.56 -1.72 2.55
C VAL D 257 -42.10 -1.95 2.85
N SER D 258 -41.43 -2.74 2.00
CA SER D 258 -40.02 -3.06 2.16
C SER D 258 -39.30 -2.98 0.84
N SER D 259 -38.15 -2.32 0.81
CA SER D 259 -37.34 -2.29 -0.41
C SER D 259 -36.57 -3.59 -0.50
N VAL D 260 -36.39 -4.07 -1.74
CA VAL D 260 -35.76 -5.37 -1.98
C VAL D 260 -34.69 -5.19 -3.04
N TYR D 261 -33.52 -5.76 -2.74
CA TYR D 261 -32.45 -5.90 -3.69
C TYR D 261 -32.01 -7.35 -3.67
N GLU D 262 -32.18 -8.02 -4.80
CA GLU D 262 -31.84 -9.44 -4.93
C GLU D 262 -32.58 -10.18 -3.79
N GLN D 263 -31.85 -10.76 -2.83
CA GLN D 263 -32.48 -11.50 -1.73
C GLN D 263 -32.21 -10.86 -0.34
N HIS D 264 -31.80 -9.59 -0.34
CA HIS D 264 -31.74 -8.78 0.88
C HIS D 264 -32.97 -7.90 0.85
N GLU D 265 -33.61 -7.68 1.99
CA GLU D 265 -34.65 -6.66 2.05
C GLU D 265 -34.52 -5.79 3.29
N SER D 266 -34.98 -4.55 3.17
CA SER D 266 -34.84 -3.55 4.21
C SER D 266 -35.68 -3.86 5.44
N THR D 267 -35.50 -3.08 6.51
CA THR D 267 -36.49 -3.08 7.57
C THR D 267 -37.76 -2.55 6.92
N PRO D 268 -38.93 -2.94 7.44
CA PRO D 268 -40.18 -2.54 6.80
C PRO D 268 -40.63 -1.15 7.24
N LEU D 269 -41.28 -0.45 6.32
CA LEU D 269 -41.97 0.79 6.60
C LEU D 269 -43.41 0.42 6.90
N ARG D 270 -43.90 0.79 8.08
CA ARG D 270 -45.16 0.28 8.61
C ARG D 270 -46.15 1.40 8.95
N GLY D 271 -47.42 1.21 8.60
CA GLY D 271 -48.51 2.09 9.00
C GLY D 271 -49.84 1.34 9.16
N ARG D 272 -50.88 2.08 9.58
CA ARG D 272 -52.26 1.54 9.68
C ARG D 272 -53.31 2.43 9.02
N GLN D 273 -54.34 1.80 8.49
CA GLN D 273 -55.47 2.52 7.93
C GLN D 273 -56.77 1.73 8.08
N LYS D 274 -57.86 2.45 8.28
CA LYS D 274 -59.18 1.87 8.40
C LYS D 274 -60.03 2.17 7.14
N THR D 275 -60.67 1.14 6.59
CA THR D 275 -61.58 1.31 5.47
C THR D 275 -62.91 1.93 5.92
N GLY D 276 -63.62 2.60 5.00
CA GLY D 276 -64.94 3.18 5.28
C GLY D 276 -66.02 2.12 5.45
N SER D 277 -67.24 2.55 5.71
CA SER D 277 -68.34 1.65 6.04
C SER D 277 -69.49 1.75 5.05
N ALA D 278 -69.81 0.63 4.39
CA ALA D 278 -70.96 0.55 3.48
C ALA D 278 -72.19 0.19 4.31
N HIS D 279 -73.15 1.11 4.40
CA HIS D 279 -74.25 1.03 5.38
C HIS D 279 -75.27 -0.04 4.99
N HIS D 280 -75.06 -1.26 5.51
CA HIS D 280 -75.68 -2.52 5.02
C HIS D 280 -75.30 -2.82 3.58
N ASP E 6 17.67 -37.68 -20.21
CA ASP E 6 16.78 -38.04 -21.36
C ASP E 6 16.11 -36.79 -21.91
N LEU E 7 15.97 -36.72 -23.24
CA LEU E 7 15.16 -35.68 -23.92
C LEU E 7 13.99 -36.32 -24.65
N ILE E 8 12.99 -35.51 -24.98
CA ILE E 8 11.89 -35.92 -25.86
C ILE E 8 12.51 -35.94 -27.27
N PRO E 9 12.29 -37.01 -28.06
CA PRO E 9 12.90 -37.08 -29.39
C PRO E 9 12.34 -36.04 -30.34
N ALA E 10 13.17 -35.55 -31.27
CA ALA E 10 12.69 -34.62 -32.29
C ALA E 10 11.74 -35.38 -33.20
N PRO E 11 10.57 -34.80 -33.52
CA PRO E 11 9.59 -35.53 -34.34
C PRO E 11 10.07 -35.65 -35.78
N PRO E 12 9.45 -36.54 -36.58
CA PRO E 12 9.83 -36.66 -38.00
C PRO E 12 9.45 -35.41 -38.80
N LEU E 13 10.17 -35.13 -39.88
CA LEU E 13 9.95 -33.88 -40.66
C LEU E 13 8.60 -33.84 -41.39
N SER E 14 7.94 -34.99 -41.58
CA SER E 14 6.56 -35.03 -42.06
C SER E 14 5.60 -34.28 -41.13
N LYS E 15 5.79 -34.45 -39.82
CA LYS E 15 4.97 -33.75 -38.79
C LYS E 15 5.26 -32.24 -38.65
N VAL E 16 6.31 -31.74 -39.32
CA VAL E 16 6.62 -30.31 -39.41
C VAL E 16 6.35 -29.86 -40.86
N PRO E 17 5.09 -29.50 -41.17
CA PRO E 17 4.75 -29.20 -42.55
C PRO E 17 5.23 -27.81 -42.95
N LEU E 18 5.84 -27.70 -44.11
CA LEU E 18 6.35 -26.42 -44.58
C LEU E 18 5.17 -25.56 -45.01
N GLN E 19 5.21 -24.27 -44.69
CA GLN E 19 4.16 -23.31 -45.09
C GLN E 19 4.07 -23.32 -46.60
N GLN E 20 2.93 -23.75 -47.13
CA GLN E 20 2.84 -23.94 -48.56
C GLN E 20 2.92 -22.61 -49.29
N ASN E 21 3.71 -22.58 -50.36
CA ASN E 21 3.80 -21.43 -51.26
C ASN E 21 4.49 -20.23 -50.60
N PHE E 22 5.47 -20.50 -49.74
CA PHE E 22 6.16 -19.47 -48.94
C PHE E 22 6.69 -18.28 -49.76
N GLN E 23 6.35 -17.07 -49.31
CA GLN E 23 6.78 -15.81 -49.95
C GLN E 23 7.80 -15.11 -49.07
N ASP E 24 9.08 -15.27 -49.38
CA ASP E 24 10.13 -14.68 -48.56
C ASP E 24 10.00 -13.16 -48.38
N ASN E 25 9.58 -12.44 -49.42
CA ASN E 25 9.41 -10.98 -49.34
C ASN E 25 8.24 -10.50 -48.43
N GLN E 26 7.24 -11.35 -48.24
CA GLN E 26 6.13 -11.05 -47.36
C GLN E 26 6.45 -11.38 -45.90
N PHE E 27 7.37 -12.32 -45.68
CA PHE E 27 7.74 -12.76 -44.32
C PHE E 27 8.80 -11.87 -43.66
N HIS E 28 9.47 -11.03 -44.45
CA HIS E 28 10.57 -10.22 -43.93
C HIS E 28 10.07 -9.16 -42.97
N GLY E 29 10.99 -8.49 -42.29
CA GLY E 29 10.65 -7.44 -41.33
C GLY E 29 10.58 -7.91 -39.89
N LYS E 30 10.14 -7.03 -39.01
CA LYS E 30 10.17 -7.27 -37.56
C LYS E 30 9.06 -8.21 -37.07
N TRP E 31 9.44 -9.21 -36.29
CA TRP E 31 8.49 -10.07 -35.57
C TRP E 31 8.80 -10.05 -34.07
N TYR E 32 7.75 -9.99 -33.25
CA TYR E 32 7.87 -10.16 -31.81
C TYR E 32 7.66 -11.64 -31.46
N VAL E 33 8.51 -12.18 -30.59
CA VAL E 33 8.40 -13.59 -30.19
C VAL E 33 7.46 -13.69 -28.97
N VAL E 34 6.29 -14.24 -29.21
CA VAL E 34 5.22 -14.22 -28.21
C VAL E 34 4.99 -15.60 -27.57
N GLY E 35 5.52 -16.64 -28.19
CA GLY E 35 5.40 -18.02 -27.70
C GLY E 35 6.67 -18.81 -27.96
N GLU E 36 6.98 -19.72 -27.04
CA GLU E 36 8.17 -20.54 -27.13
C GLU E 36 7.82 -21.94 -26.65
N ALA E 37 8.38 -22.95 -27.31
CA ALA E 37 8.23 -24.34 -26.88
C ALA E 37 9.44 -25.16 -27.29
N GLY E 38 9.81 -26.14 -26.47
CA GLY E 38 10.97 -26.99 -26.77
C GLY E 38 11.20 -28.14 -25.80
N ASN E 39 11.94 -29.13 -26.26
CA ASN E 39 12.26 -30.31 -25.44
C ASN E 39 13.25 -30.03 -24.32
N SER E 40 14.10 -29.00 -24.46
CA SER E 40 15.01 -28.56 -23.40
C SER E 40 14.51 -27.35 -22.60
N LEU E 41 13.32 -26.85 -22.91
CA LEU E 41 12.77 -25.63 -22.30
C LEU E 41 11.84 -25.96 -21.14
N LEU E 42 12.13 -25.39 -19.96
CA LEU E 42 11.33 -25.58 -18.75
C LEU E 42 10.81 -24.23 -18.28
N ARG E 43 9.54 -24.19 -17.87
CA ARG E 43 8.91 -22.96 -17.42
C ARG E 43 9.33 -22.64 -16.01
N GLU E 44 9.83 -21.43 -15.79
CA GLU E 44 10.28 -20.96 -14.49
C GLU E 44 9.71 -19.56 -14.18
N ASP E 45 8.67 -19.51 -13.34
CA ASP E 45 8.06 -18.24 -12.88
C ASP E 45 8.99 -17.46 -11.96
N LYS E 46 9.89 -18.16 -11.25
CA LYS E 46 10.92 -17.53 -10.42
C LYS E 46 11.71 -16.40 -11.12
N ASP E 47 11.95 -16.53 -12.43
CA ASP E 47 12.68 -15.50 -13.19
C ASP E 47 12.36 -15.65 -14.69
N PRO E 48 11.17 -15.18 -15.12
CA PRO E 48 10.60 -15.60 -16.41
C PRO E 48 11.38 -15.14 -17.64
N ARG E 49 11.22 -15.88 -18.72
CA ARG E 49 11.82 -15.52 -20.00
C ARG E 49 11.14 -14.27 -20.54
N LYS E 50 11.93 -13.42 -21.18
CA LYS E 50 11.44 -12.16 -21.70
C LYS E 50 11.15 -12.22 -23.20
N MET E 51 10.36 -11.26 -23.63
CA MET E 51 9.99 -11.10 -25.03
C MET E 51 11.15 -10.42 -25.74
N TYR E 52 11.37 -10.84 -26.99
CA TYR E 52 12.38 -10.23 -27.87
C TYR E 52 11.80 -10.07 -29.25
N ALA E 53 12.46 -9.28 -30.07
CA ALA E 53 12.11 -9.11 -31.48
C ALA E 53 13.21 -9.67 -32.38
N THR E 54 12.84 -10.46 -33.39
CA THR E 54 13.74 -10.83 -34.48
C THR E 54 13.33 -10.02 -35.70
N ILE E 55 14.31 -9.44 -36.37
CA ILE E 55 14.11 -8.66 -37.58
C ILE E 55 14.74 -9.44 -38.75
N TYR E 56 13.90 -9.95 -39.65
CA TYR E 56 14.33 -10.74 -40.81
C TYR E 56 14.53 -9.87 -42.06
N GLU E 57 15.75 -9.39 -42.32
CA GLU E 57 16.07 -8.56 -43.52
C GLU E 57 16.41 -9.39 -44.75
N LEU E 58 15.57 -9.32 -45.79
CA LEU E 58 15.87 -10.06 -47.04
C LEU E 58 16.96 -9.36 -47.85
N LYS E 59 18.03 -10.10 -48.15
CA LYS E 59 19.18 -9.58 -48.92
C LYS E 59 19.09 -9.92 -50.41
N GLU E 60 19.90 -9.23 -51.21
CA GLU E 60 19.95 -9.45 -52.66
C GLU E 60 20.16 -10.91 -53.07
N ASP E 61 20.96 -11.65 -52.30
CA ASP E 61 21.26 -13.06 -52.59
C ASP E 61 20.26 -14.11 -52.02
N LYS E 62 19.03 -13.68 -51.72
CA LYS E 62 17.89 -14.55 -51.34
C LYS E 62 17.91 -15.14 -49.91
N SER E 63 18.93 -14.81 -49.12
CA SER E 63 19.05 -15.26 -47.74
C SER E 63 18.65 -14.10 -46.85
N TYR E 64 18.31 -14.38 -45.59
CA TYR E 64 17.94 -13.34 -44.62
C TYR E 64 19.12 -12.92 -43.76
N ASN E 65 19.06 -11.69 -43.26
CA ASN E 65 19.97 -11.17 -42.25
C ASN E 65 19.15 -11.00 -40.96
N VAL E 66 19.22 -11.98 -40.07
CA VAL E 66 18.33 -12.04 -38.90
C VAL E 66 18.96 -11.41 -37.66
N THR E 67 18.48 -10.21 -37.33
CA THR E 67 18.88 -9.50 -36.12
C THR E 67 17.93 -9.89 -34.99
N SER E 68 18.46 -10.28 -33.83
CA SER E 68 17.65 -10.58 -32.63
C SER E 68 17.99 -9.53 -31.59
N VAL E 69 16.97 -8.87 -31.05
CA VAL E 69 17.16 -7.72 -30.15
C VAL E 69 16.60 -8.05 -28.78
N ARG E 70 17.51 -8.20 -27.80
CA ARG E 70 17.15 -8.62 -26.43
C ARG E 70 17.48 -7.54 -25.42
N PHE E 71 16.77 -7.60 -24.29
CA PHE E 71 17.07 -6.78 -23.13
C PHE E 71 17.64 -7.71 -22.09
N ARG E 72 18.88 -7.46 -21.68
CA ARG E 72 19.62 -8.38 -20.80
C ARG E 72 20.79 -7.62 -20.14
N SER E 73 20.95 -7.82 -18.83
CA SER E 73 21.97 -7.11 -18.04
C SER E 73 21.78 -5.59 -18.12
N LYS E 74 20.51 -5.16 -18.09
CA LYS E 74 20.10 -3.75 -18.23
C LYS E 74 20.64 -3.02 -19.48
N LYS E 75 20.82 -3.77 -20.57
CA LYS E 75 21.38 -3.24 -21.84
C LYS E 75 20.84 -4.01 -23.03
N CYS E 76 20.72 -3.33 -24.17
CA CYS E 76 20.17 -3.94 -25.37
C CYS E 76 21.24 -4.73 -26.10
N HIS E 77 20.98 -6.01 -26.35
CA HIS E 77 21.91 -6.90 -27.07
C HIS E 77 21.40 -7.23 -28.45
N TYR E 78 22.32 -7.29 -29.41
CA TYR E 78 22.03 -7.57 -30.82
C TYR E 78 22.79 -8.82 -31.28
N LEU E 79 22.12 -9.74 -31.97
CA LEU E 79 22.77 -10.89 -32.57
C LEU E 79 22.38 -11.05 -34.05
N ILE E 80 23.40 -11.06 -34.90
CA ILE E 80 23.23 -11.09 -36.35
C ILE E 80 23.61 -12.46 -36.91
N ARG E 81 22.67 -13.08 -37.62
CA ARG E 81 22.85 -14.40 -38.24
C ARG E 81 22.40 -14.36 -39.70
N THR E 82 22.99 -15.21 -40.53
CA THR E 82 22.60 -15.38 -41.92
C THR E 82 21.81 -16.68 -42.04
N PHE E 83 20.55 -16.60 -42.49
CA PHE E 83 19.72 -17.80 -42.75
C PHE E 83 19.82 -18.09 -44.24
N VAL E 84 20.46 -19.18 -44.63
CA VAL E 84 20.63 -19.54 -46.06
C VAL E 84 19.52 -20.51 -46.49
N PRO E 85 18.87 -20.27 -47.66
CA PRO E 85 17.74 -21.14 -48.05
C PRO E 85 18.12 -22.56 -48.42
N GLY E 86 17.34 -23.53 -47.95
CA GLY E 86 17.57 -24.96 -48.20
C GLY E 86 16.75 -25.48 -49.37
N SER E 87 16.43 -26.77 -49.30
CA SER E 87 15.77 -27.52 -50.39
C SER E 87 14.56 -26.81 -50.99
N GLN E 88 13.60 -26.50 -50.13
CA GLN E 88 12.30 -25.97 -50.53
C GLN E 88 12.11 -24.58 -49.89
N PRO E 89 11.27 -23.72 -50.51
CA PRO E 89 11.01 -22.39 -49.95
C PRO E 89 10.34 -22.42 -48.58
N GLY E 90 10.94 -21.72 -47.61
CA GLY E 90 10.49 -21.70 -46.22
C GLY E 90 11.39 -22.45 -45.26
N GLU E 91 12.41 -23.13 -45.80
CA GLU E 91 13.40 -23.88 -45.02
C GLU E 91 14.75 -23.17 -45.13
N PHE E 92 15.45 -23.05 -44.00
CA PHE E 92 16.79 -22.42 -43.95
C PHE E 92 17.77 -23.22 -43.10
N THR E 93 19.07 -22.94 -43.26
CA THR E 93 20.14 -23.59 -42.47
C THR E 93 21.25 -22.60 -42.10
N LEU E 94 21.80 -22.77 -40.89
CA LEU E 94 22.95 -21.99 -40.42
C LEU E 94 24.17 -22.90 -40.21
N GLY E 95 25.31 -22.29 -39.92
CA GLY E 95 26.54 -23.01 -39.63
C GLY E 95 27.26 -23.52 -40.86
N LEU E 96 28.24 -24.40 -40.61
CA LEU E 96 29.14 -24.90 -41.67
C LEU E 96 28.83 -26.31 -42.20
N ILE E 97 27.58 -26.77 -42.03
CA ILE E 97 27.11 -28.00 -42.68
C ILE E 97 25.75 -27.74 -43.34
N LYS E 98 25.69 -27.93 -44.67
CA LYS E 98 24.51 -27.60 -45.48
C LYS E 98 24.18 -28.62 -46.59
N SER E 99 25.17 -29.06 -47.38
CA SER E 99 24.98 -30.11 -48.40
C SER E 99 25.06 -31.51 -47.79
N LYS E 100 24.12 -31.77 -46.87
CA LYS E 100 24.10 -32.98 -46.06
C LYS E 100 22.76 -33.02 -45.29
N PRO E 101 21.72 -33.67 -45.87
CA PRO E 101 20.41 -33.74 -45.20
C PRO E 101 20.37 -34.84 -44.14
N GLY E 102 19.91 -34.50 -42.92
CA GLY E 102 19.90 -35.43 -41.79
C GLY E 102 21.20 -35.51 -41.00
N HIS E 103 22.14 -34.61 -41.27
CA HIS E 103 23.38 -34.43 -40.48
C HIS E 103 23.66 -32.94 -40.23
N THR E 104 22.60 -32.14 -40.15
CA THR E 104 22.70 -30.66 -40.24
C THR E 104 22.85 -30.00 -38.86
N SER E 105 23.66 -28.94 -38.82
CA SER E 105 24.02 -28.23 -37.60
C SER E 105 22.83 -27.47 -37.03
N PHE E 106 22.17 -26.68 -37.87
CA PHE E 106 21.04 -25.85 -37.45
C PHE E 106 20.04 -25.76 -38.59
N LEU E 107 18.76 -25.96 -38.27
CA LEU E 107 17.72 -26.08 -39.28
C LEU E 107 16.50 -25.25 -38.89
N VAL E 108 16.05 -24.39 -39.80
CA VAL E 108 14.87 -23.55 -39.60
C VAL E 108 13.80 -23.93 -40.62
N ARG E 109 12.54 -23.87 -40.19
CA ARG E 109 11.43 -24.37 -41.00
C ARG E 109 10.16 -23.59 -40.62
N VAL E 110 9.75 -22.66 -41.49
CA VAL E 110 8.57 -21.84 -41.24
C VAL E 110 7.36 -22.73 -41.44
N VAL E 111 6.70 -23.07 -40.35
CA VAL E 111 5.59 -24.02 -40.37
C VAL E 111 4.36 -23.34 -40.97
N SER E 112 3.97 -22.21 -40.40
CA SER E 112 2.80 -21.44 -40.87
C SER E 112 3.02 -19.95 -40.70
N THR E 113 2.30 -19.18 -41.50
CA THR E 113 2.29 -17.71 -41.42
C THR E 113 1.26 -17.12 -42.37
N ASN E 114 0.53 -16.11 -41.92
CA ASN E 114 -0.29 -15.26 -42.80
C ASN E 114 0.40 -13.95 -43.15
N TYR E 115 1.63 -13.76 -42.66
CA TYR E 115 2.57 -12.69 -43.06
C TYR E 115 2.37 -11.40 -42.30
N ASN E 116 1.13 -10.94 -42.17
CA ASN E 116 0.82 -9.67 -41.52
C ASN E 116 0.34 -9.73 -40.06
N GLN E 117 0.13 -10.92 -39.48
CA GLN E 117 -0.14 -11.06 -38.04
C GLN E 117 0.73 -12.08 -37.32
N HIS E 118 0.67 -13.36 -37.70
CA HIS E 118 1.47 -14.38 -36.99
C HIS E 118 2.30 -15.31 -37.86
N ALA E 119 3.14 -16.07 -37.16
CA ALA E 119 3.85 -17.17 -37.77
C ALA E 119 4.24 -18.17 -36.70
N MET E 120 4.33 -19.44 -37.08
CA MET E 120 4.95 -20.48 -36.24
C MET E 120 6.20 -20.96 -36.97
N VAL E 121 7.34 -20.96 -36.28
CA VAL E 121 8.62 -21.41 -36.86
C VAL E 121 9.25 -22.53 -36.02
N PHE E 122 9.76 -23.56 -36.71
CA PHE E 122 10.40 -24.74 -36.11
C PHE E 122 11.91 -24.61 -36.29
N PHE E 123 12.66 -24.73 -35.19
CA PHE E 123 14.12 -24.76 -35.22
C PHE E 123 14.57 -26.14 -34.82
N LYS E 124 15.77 -26.52 -35.23
CA LYS E 124 16.36 -27.79 -34.83
C LYS E 124 17.88 -27.75 -34.92
N THR E 125 18.55 -28.17 -33.84
CA THR E 125 20.01 -28.23 -33.77
C THR E 125 20.48 -29.43 -32.94
N VAL E 126 21.79 -29.69 -32.98
CA VAL E 126 22.41 -30.83 -32.30
C VAL E 126 23.56 -30.30 -31.44
N ALA E 127 23.80 -31.00 -30.33
CA ALA E 127 24.98 -30.77 -29.48
C ALA E 127 25.20 -31.95 -28.54
N GLN E 128 26.42 -32.49 -28.52
CA GLN E 128 26.80 -33.61 -27.65
C GLN E 128 25.99 -34.89 -27.93
N ASN E 129 25.67 -35.11 -29.21
CA ASN E 129 24.88 -36.28 -29.68
C ASN E 129 23.46 -36.35 -29.11
N ARG E 130 22.86 -35.19 -28.87
CA ARG E 130 21.49 -35.09 -28.35
C ARG E 130 20.78 -34.02 -29.16
N GLU E 131 19.75 -34.40 -29.89
CA GLU E 131 19.05 -33.47 -30.78
C GLU E 131 18.12 -32.53 -29.98
N TYR E 132 18.12 -31.25 -30.36
CA TYR E 132 17.25 -30.25 -29.75
C TYR E 132 16.33 -29.68 -30.83
N PHE E 133 15.06 -29.50 -30.50
CA PHE E 133 14.12 -28.80 -31.37
C PHE E 133 13.30 -27.81 -30.55
N PHE E 134 12.87 -26.75 -31.22
CA PHE E 134 12.27 -25.57 -30.59
C PHE E 134 11.22 -24.98 -31.54
N ILE E 135 10.20 -24.32 -30.98
CA ILE E 135 9.15 -23.69 -31.77
C ILE E 135 8.93 -22.27 -31.26
N THR E 136 8.91 -21.29 -32.18
CA THR E 136 8.50 -19.93 -31.81
C THR E 136 7.15 -19.56 -32.42
N LEU E 137 6.42 -18.76 -31.67
CA LEU E 137 5.23 -18.08 -32.15
C LEU E 137 5.65 -16.63 -32.38
N TYR E 138 5.67 -16.22 -33.65
CA TYR E 138 5.98 -14.85 -34.01
C TYR E 138 4.68 -14.06 -34.15
N GLY E 139 4.73 -12.79 -33.78
CA GLY E 139 3.60 -11.86 -33.92
C GLY E 139 4.09 -10.54 -34.49
N ARG E 140 3.29 -9.90 -35.35
CA ARG E 140 3.62 -8.53 -35.80
C ARG E 140 3.32 -7.54 -34.70
N THR E 141 2.56 -7.98 -33.69
CA THR E 141 2.37 -7.24 -32.47
C THR E 141 2.58 -8.15 -31.26
N LYS E 142 2.69 -7.49 -30.11
CA LYS E 142 2.93 -8.16 -28.85
C LYS E 142 1.67 -8.85 -28.34
N GLU E 143 0.50 -8.35 -28.73
CA GLU E 143 -0.74 -8.79 -28.09
C GLU E 143 -1.18 -10.17 -28.58
N LEU E 144 -1.55 -11.01 -27.62
CA LEU E 144 -1.79 -12.42 -27.84
C LEU E 144 -3.15 -12.81 -27.29
N THR E 145 -4.11 -13.11 -28.17
CA THR E 145 -5.45 -13.57 -27.78
C THR E 145 -5.40 -15.00 -27.25
N SER E 146 -6.45 -15.40 -26.57
CA SER E 146 -6.53 -16.76 -26.03
C SER E 146 -6.63 -17.80 -27.16
N GLU E 147 -7.37 -17.48 -28.23
CA GLU E 147 -7.51 -18.40 -29.39
C GLU E 147 -6.14 -18.73 -30.03
N LEU E 148 -5.23 -17.77 -30.03
CA LEU E 148 -3.89 -17.96 -30.59
C LEU E 148 -2.97 -18.80 -29.74
N LYS E 149 -3.10 -18.67 -28.42
CA LYS E 149 -2.32 -19.48 -27.50
C LYS E 149 -2.69 -20.94 -27.66
N GLU E 150 -3.99 -21.22 -27.72
CA GLU E 150 -4.50 -22.58 -27.83
C GLU E 150 -4.00 -23.24 -29.11
N ASN E 151 -4.01 -22.52 -30.22
CA ASN E 151 -3.39 -23.01 -31.46
C ASN E 151 -1.89 -23.35 -31.33
N PHE E 152 -1.15 -22.55 -30.55
CA PHE E 152 0.26 -22.83 -30.28
C PHE E 152 0.46 -23.99 -29.31
N ILE E 153 -0.37 -24.06 -28.27
CA ILE E 153 -0.34 -25.18 -27.33
C ILE E 153 -0.71 -26.48 -28.04
N ARG E 154 -1.83 -26.48 -28.76
CA ARG E 154 -2.28 -27.66 -29.50
C ARG E 154 -1.28 -28.12 -30.57
N PHE E 155 -0.61 -27.18 -31.23
CA PHE E 155 0.45 -27.56 -32.19
C PHE E 155 1.69 -28.10 -31.48
N SER E 156 2.03 -27.53 -30.32
CA SER E 156 3.20 -27.99 -29.56
C SER E 156 2.99 -29.38 -28.93
N LYS E 157 1.77 -29.70 -28.52
CA LYS E 157 1.41 -31.08 -28.07
C LYS E 157 1.40 -32.10 -29.22
N SER E 158 1.13 -31.65 -30.45
CA SER E 158 1.23 -32.52 -31.63
C SER E 158 2.67 -32.92 -31.98
N LEU E 159 3.66 -32.17 -31.49
CA LEU E 159 5.09 -32.55 -31.58
C LEU E 159 5.64 -33.22 -30.29
N GLY E 160 4.76 -33.60 -29.37
CA GLY E 160 5.14 -34.30 -28.14
C GLY E 160 5.24 -33.45 -26.88
N LEU E 161 5.38 -32.13 -27.01
CA LEU E 161 5.71 -31.26 -25.87
C LEU E 161 4.54 -31.04 -24.92
N PRO E 162 4.72 -31.34 -23.61
CA PRO E 162 3.66 -31.13 -22.62
C PRO E 162 3.48 -29.66 -22.24
N GLU E 163 2.41 -29.39 -21.49
CA GLU E 163 2.07 -28.02 -21.05
C GLU E 163 3.31 -27.26 -20.55
N ASN E 164 4.05 -27.89 -19.64
CA ASN E 164 5.18 -27.26 -18.93
C ASN E 164 6.46 -27.01 -19.74
N HIS E 165 6.52 -27.49 -20.99
CA HIS E 165 7.62 -27.15 -21.92
C HIS E 165 7.26 -26.03 -22.91
N ILE E 166 6.16 -25.32 -22.65
CA ILE E 166 5.71 -24.19 -23.46
C ILE E 166 5.73 -22.96 -22.56
N VAL E 167 6.29 -21.86 -23.06
CA VAL E 167 6.40 -20.61 -22.31
C VAL E 167 5.81 -19.49 -23.16
N PHE E 168 5.28 -18.48 -22.49
CA PHE E 168 4.78 -17.28 -23.15
C PHE E 168 5.56 -16.11 -22.56
N PRO E 169 6.62 -15.65 -23.27
CA PRO E 169 7.54 -14.58 -22.84
C PRO E 169 6.90 -13.28 -22.36
N VAL E 170 7.45 -12.69 -21.30
CA VAL E 170 6.85 -11.50 -20.68
C VAL E 170 7.09 -10.27 -21.55
N PRO E 171 6.04 -9.48 -21.84
CA PRO E 171 6.25 -8.25 -22.61
C PRO E 171 7.14 -7.23 -21.92
N ILE E 172 7.94 -6.52 -22.70
CA ILE E 172 8.83 -5.44 -22.23
C ILE E 172 8.82 -4.25 -23.20
N ASP E 173 9.19 -3.09 -22.69
CA ASP E 173 9.20 -1.84 -23.47
C ASP E 173 10.58 -1.34 -23.87
N GLN E 174 11.63 -1.86 -23.24
CA GLN E 174 13.00 -1.47 -23.57
C GLN E 174 13.49 -2.25 -24.79
N CYS E 175 14.35 -1.62 -25.59
CA CYS E 175 15.07 -2.26 -26.71
C CYS E 175 14.21 -2.66 -27.89
N ILE E 176 13.24 -3.55 -27.67
CA ILE E 176 12.38 -4.07 -28.74
C ILE E 176 11.41 -3.07 -29.39
N ASP E 177 11.23 -1.89 -28.80
CA ASP E 177 10.39 -0.84 -29.41
C ASP E 177 11.22 0.17 -30.18
N PRO F 1 16.63 11.64 28.47
CA PRO F 1 17.19 10.58 27.65
C PRO F 1 18.25 11.05 26.63
N LEU F 2 19.25 10.22 26.40
CA LEU F 2 20.27 10.44 25.35
C LEU F 2 19.60 10.29 23.98
N SER F 3 19.60 11.38 23.20
CA SER F 3 18.94 11.39 21.89
C SER F 3 19.65 10.46 20.90
N PRO F 4 18.88 9.64 20.15
CA PRO F 4 19.50 8.72 19.19
C PRO F 4 19.97 9.46 17.93
N PRO F 5 20.94 8.90 17.18
CA PRO F 5 21.32 9.52 15.89
C PRO F 5 20.22 9.34 14.84
N THR F 6 20.34 10.10 13.75
CA THR F 6 19.38 10.06 12.63
C THR F 6 20.12 10.10 11.29
N ASN F 7 19.37 10.01 10.19
CA ASN F 7 19.91 9.93 8.81
C ASN F 7 20.81 8.72 8.61
N LEU F 8 20.35 7.55 9.07
CA LEU F 8 21.10 6.29 8.92
C LEU F 8 21.07 5.86 7.46
N HIS F 9 22.26 5.71 6.87
CA HIS F 9 22.41 5.29 5.48
C HIS F 9 23.33 4.06 5.43
N LEU F 10 22.86 3.02 4.75
CA LEU F 10 23.62 1.78 4.55
C LEU F 10 24.02 1.64 3.09
N GLU F 11 25.15 0.97 2.86
CA GLU F 11 25.66 0.73 1.51
C GLU F 11 26.51 -0.55 1.48
N ALA F 12 25.92 -1.61 0.92
CA ALA F 12 26.57 -2.91 0.81
C ALA F 12 27.15 -3.10 -0.60
N ASN F 13 28.48 -3.09 -0.69
CA ASN F 13 29.18 -3.33 -1.95
C ASN F 13 29.22 -4.84 -2.23
N PRO F 14 28.68 -5.29 -3.39
CA PRO F 14 28.70 -6.73 -3.67
C PRO F 14 30.09 -7.33 -3.92
N ASP F 15 30.97 -6.57 -4.56
CA ASP F 15 32.26 -7.11 -5.04
C ASP F 15 33.25 -7.40 -3.92
N THR F 16 33.55 -6.40 -3.08
CA THR F 16 34.55 -6.52 -2.02
C THR F 16 34.03 -7.11 -0.68
N GLY F 17 32.72 -6.96 -0.42
CA GLY F 17 32.10 -7.46 0.82
C GLY F 17 32.08 -6.46 1.97
N VAL F 18 32.33 -5.18 1.67
CA VAL F 18 32.40 -4.12 2.67
C VAL F 18 31.04 -3.43 2.80
N LEU F 19 30.54 -3.32 4.03
CA LEU F 19 29.33 -2.57 4.34
C LEU F 19 29.73 -1.25 4.99
N THR F 20 29.50 -0.14 4.30
CA THR F 20 29.72 1.19 4.87
C THR F 20 28.44 1.64 5.56
N VAL F 21 28.57 2.04 6.83
CA VAL F 21 27.46 2.53 7.65
C VAL F 21 27.79 3.98 8.01
N SER F 22 26.85 4.90 7.72
CA SER F 22 27.03 6.32 8.02
C SER F 22 25.79 6.94 8.66
N TRP F 23 26.00 8.05 9.36
CA TRP F 23 24.95 8.75 10.11
C TRP F 23 25.35 10.20 10.36
N GLU F 24 24.37 11.02 10.75
CA GLU F 24 24.63 12.38 11.22
C GLU F 24 24.72 12.35 12.75
N ARG F 25 25.64 13.15 13.29
CA ARG F 25 25.98 13.10 14.72
C ARG F 25 24.84 13.58 15.63
N SER F 26 24.80 13.03 16.84
CA SER F 26 23.73 13.31 17.81
C SER F 26 23.83 14.72 18.38
N THR F 27 22.69 15.22 18.87
CA THR F 27 22.60 16.58 19.44
C THR F 27 22.81 16.62 20.97
N THR F 28 23.49 15.62 21.53
CA THR F 28 23.84 15.59 22.96
C THR F 28 25.08 16.49 23.17
N PRO F 29 25.20 17.16 24.34
CA PRO F 29 26.41 17.95 24.63
C PRO F 29 27.73 17.16 24.64
N ASP F 30 27.86 16.18 25.52
CA ASP F 30 29.10 15.41 25.72
C ASP F 30 28.86 13.92 25.46
N ILE F 31 29.63 13.36 24.54
CA ILE F 31 29.49 11.95 24.12
C ILE F 31 30.86 11.26 23.99
N THR F 32 30.91 9.99 24.39
CA THR F 32 32.12 9.16 24.26
C THR F 32 32.33 8.77 22.80
N GLY F 33 31.27 8.32 22.15
CA GLY F 33 31.32 7.93 20.75
C GLY F 33 30.04 7.25 20.30
N TYR F 34 30.17 6.28 19.38
CA TYR F 34 29.04 5.49 18.89
C TYR F 34 29.42 4.01 18.82
N ARG F 35 28.49 3.15 19.22
CA ARG F 35 28.71 1.69 19.23
C ARG F 35 27.85 1.03 18.14
N ILE F 36 28.50 0.45 17.14
CA ILE F 36 27.82 -0.09 15.95
C ILE F 36 27.85 -1.62 15.99
N THR F 37 26.66 -2.22 15.98
CA THR F 37 26.52 -3.68 16.05
C THR F 37 25.84 -4.24 14.79
N THR F 38 26.62 -4.90 13.94
CA THR F 38 26.10 -5.64 12.80
C THR F 38 25.81 -7.07 13.26
N THR F 39 24.53 -7.44 13.31
CA THR F 39 24.12 -8.76 13.81
C THR F 39 23.17 -9.43 12.80
N PRO F 40 23.41 -10.72 12.48
CA PRO F 40 22.50 -11.45 11.56
C PRO F 40 21.11 -11.72 12.15
N THR F 41 20.10 -11.81 11.29
CA THR F 41 18.71 -11.99 11.73
C THR F 41 18.39 -13.45 12.08
N ASN F 42 18.65 -14.35 11.12
CA ASN F 42 18.39 -15.80 11.30
C ASN F 42 19.64 -16.56 11.82
N GLY F 43 20.83 -16.16 11.35
CA GLY F 43 22.10 -16.66 11.91
C GLY F 43 22.32 -16.15 13.34
N GLN F 44 23.05 -16.94 14.14
CA GLN F 44 23.12 -16.74 15.61
C GLN F 44 24.40 -17.23 16.31
N GLN F 45 24.74 -18.49 16.09
CA GLN F 45 25.88 -19.16 16.78
C GLN F 45 27.22 -18.50 16.40
N GLY F 46 27.71 -17.61 17.28
CA GLY F 46 28.98 -16.91 17.07
C GLY F 46 28.83 -15.56 16.39
N ASN F 47 28.31 -15.56 15.15
CA ASN F 47 28.23 -14.35 14.30
C ASN F 47 27.49 -13.17 14.94
N SER F 48 28.25 -12.11 15.26
CA SER F 48 27.72 -10.87 15.86
C SER F 48 28.83 -9.80 15.89
N LEU F 49 29.01 -9.06 14.80
CA LEU F 49 30.13 -8.11 14.65
C LEU F 49 29.94 -6.80 15.42
N GLU F 50 31.05 -6.10 15.66
CA GLU F 50 31.05 -4.81 16.37
C GLU F 50 32.28 -3.95 16.02
N GLU F 51 32.10 -2.63 16.06
CA GLU F 51 33.21 -1.67 15.96
C GLU F 51 32.86 -0.33 16.60
N VAL F 52 33.65 0.10 17.58
CA VAL F 52 33.44 1.37 18.29
C VAL F 52 34.32 2.45 17.66
N VAL F 53 33.75 3.65 17.45
CA VAL F 53 34.46 4.81 16.86
C VAL F 53 34.33 6.06 17.75
N HIS F 54 35.14 7.07 17.45
CA HIS F 54 35.20 8.31 18.24
C HIS F 54 33.99 9.23 18.01
N ALA F 55 33.88 10.29 18.82
CA ALA F 55 32.75 11.22 18.80
C ALA F 55 32.58 11.98 17.48
N ASP F 56 33.69 12.41 16.88
CA ASP F 56 33.67 13.12 15.59
C ASP F 56 33.62 12.20 14.36
N GLN F 57 33.91 10.90 14.54
CA GLN F 57 33.81 9.92 13.44
C GLN F 57 32.34 9.61 13.13
N SER F 58 31.93 9.93 11.89
CA SER F 58 30.53 9.78 11.46
C SER F 58 30.26 8.60 10.49
N SER F 59 31.15 7.61 10.47
CA SER F 59 30.95 6.37 9.69
C SER F 59 31.89 5.24 10.11
N CYS F 60 31.62 4.03 9.63
CA CYS F 60 32.44 2.84 9.92
C CYS F 60 32.31 1.76 8.84
N THR F 61 33.14 0.71 8.93
CA THR F 61 33.16 -0.38 7.94
C THR F 61 33.27 -1.78 8.58
N PHE F 62 32.69 -2.76 7.89
CA PHE F 62 32.76 -4.20 8.26
C PHE F 62 33.04 -5.01 6.97
N ASP F 63 34.27 -5.49 6.82
CA ASP F 63 34.78 -5.92 5.48
C ASP F 63 34.81 -7.45 5.21
N ASN F 64 33.83 -8.19 5.75
CA ASN F 64 33.76 -9.65 5.52
C ASN F 64 32.36 -10.27 5.76
N LEU F 65 31.30 -9.53 5.44
CA LEU F 65 29.93 -10.02 5.67
C LEU F 65 29.53 -11.11 4.69
N SER F 66 28.70 -12.05 5.15
CA SER F 66 28.23 -13.15 4.31
C SER F 66 27.18 -12.66 3.31
N PRO F 67 27.33 -13.03 2.01
CA PRO F 67 26.24 -12.82 1.06
C PRO F 67 25.05 -13.77 1.34
N GLY F 68 23.83 -13.27 1.13
CA GLY F 68 22.62 -14.09 1.23
C GLY F 68 21.86 -13.94 2.54
N LEU F 69 22.59 -13.89 3.66
CA LEU F 69 21.99 -13.68 4.99
C LEU F 69 21.45 -12.26 5.15
N GLU F 70 20.41 -12.11 5.97
CA GLU F 70 19.91 -10.79 6.38
C GLU F 70 20.69 -10.34 7.62
N TYR F 71 20.98 -9.04 7.69
CA TYR F 71 21.70 -8.43 8.82
C TYR F 71 20.91 -7.22 9.32
N ASN F 72 21.03 -6.93 10.62
CA ASN F 72 20.46 -5.73 11.22
C ASN F 72 21.58 -4.89 11.86
N VAL F 73 21.74 -3.66 11.38
CA VAL F 73 22.77 -2.74 11.86
C VAL F 73 22.13 -1.74 12.82
N SER F 74 22.68 -1.62 14.03
CA SER F 74 22.20 -0.68 15.04
C SER F 74 23.31 0.32 15.39
N VAL F 75 22.89 1.55 15.71
CA VAL F 75 23.80 2.62 16.13
C VAL F 75 23.30 3.22 17.45
N TYR F 76 24.18 3.29 18.45
CA TYR F 76 23.88 3.91 19.75
C TYR F 76 24.81 5.09 19.98
N THR F 77 24.34 6.09 20.70
CA THR F 77 25.17 7.20 21.17
C THR F 77 25.68 6.84 22.57
N VAL F 78 27.00 6.74 22.72
CA VAL F 78 27.63 6.34 23.99
C VAL F 78 27.95 7.58 24.83
N LYS F 79 27.75 7.44 26.15
CA LYS F 79 28.22 8.42 27.13
C LYS F 79 28.65 7.66 28.40
N ASP F 80 29.89 7.21 28.40
CA ASP F 80 30.50 6.45 29.51
C ASP F 80 29.82 5.10 29.80
N ASP F 81 28.71 5.13 30.53
CA ASP F 81 28.01 3.91 31.00
C ASP F 81 26.73 3.70 30.19
N LYS F 82 25.82 4.67 30.25
CA LYS F 82 24.50 4.58 29.63
C LYS F 82 24.53 4.94 28.14
N GLU F 83 23.53 4.46 27.40
CA GLU F 83 23.45 4.62 25.95
C GLU F 83 22.05 5.04 25.50
N SER F 84 21.95 5.51 24.25
CA SER F 84 20.69 5.96 23.67
C SER F 84 19.79 4.77 23.28
N VAL F 85 18.58 5.10 22.82
CA VAL F 85 17.67 4.10 22.23
C VAL F 85 18.18 3.83 20.80
N PRO F 86 18.08 2.56 20.31
CA PRO F 86 18.54 2.20 18.96
C PRO F 86 18.00 3.02 17.78
N ILE F 87 18.78 3.09 16.71
CA ILE F 87 18.29 3.43 15.35
C ILE F 87 18.76 2.31 14.41
N SER F 88 17.80 1.65 13.74
CA SER F 88 18.10 0.41 12.99
C SER F 88 17.39 0.28 11.64
N ASP F 89 17.97 -0.56 10.79
CA ASP F 89 17.35 -1.00 9.53
C ASP F 89 17.99 -2.32 9.10
N THR F 90 17.25 -3.12 8.34
CA THR F 90 17.70 -4.43 7.87
C THR F 90 18.20 -4.37 6.43
N ILE F 91 19.21 -5.17 6.10
CA ILE F 91 19.79 -5.23 4.74
C ILE F 91 20.32 -6.63 4.39
N ILE F 92 20.10 -7.04 3.13
CA ILE F 92 20.55 -8.32 2.60
C ILE F 92 21.63 -8.03 1.55
N PRO F 93 22.91 -8.37 1.84
CA PRO F 93 23.95 -8.30 0.80
C PRO F 93 23.76 -9.33 -0.30
N GLU F 94 23.86 -8.88 -1.56
CA GLU F 94 23.68 -9.74 -2.72
C GLU F 94 24.85 -10.70 -2.86
N VAL F 95 24.67 -11.70 -3.70
CA VAL F 95 25.73 -12.67 -4.01
C VAL F 95 26.51 -12.12 -5.20
N PRO F 96 27.86 -12.08 -5.11
CA PRO F 96 28.67 -11.48 -6.18
C PRO F 96 28.86 -12.39 -7.39
N GLN F 97 28.91 -11.79 -8.58
CA GLN F 97 29.10 -12.52 -9.84
C GLN F 97 30.58 -12.63 -10.07
N LEU F 98 30.95 -13.26 -11.18
CA LEU F 98 32.34 -13.20 -11.64
C LEU F 98 32.59 -11.86 -12.35
N THR F 99 33.80 -11.34 -12.18
CA THR F 99 34.22 -10.07 -12.79
C THR F 99 35.00 -10.27 -14.09
N ASP F 100 35.93 -11.21 -14.11
CA ASP F 100 36.90 -11.36 -15.23
C ASP F 100 36.69 -12.66 -16.01
N LEU F 101 35.46 -12.88 -16.45
CA LEU F 101 35.13 -14.04 -17.28
C LEU F 101 35.59 -13.82 -18.72
N SER F 102 36.33 -14.79 -19.25
CA SER F 102 36.87 -14.74 -20.61
C SER F 102 36.88 -16.11 -21.27
N PHE F 103 36.99 -16.12 -22.60
CA PHE F 103 37.05 -17.36 -23.38
C PHE F 103 38.48 -17.64 -23.82
N VAL F 104 38.83 -18.92 -23.89
CA VAL F 104 40.19 -19.39 -24.24
C VAL F 104 40.13 -20.76 -24.93
N ASP F 105 41.19 -21.12 -25.66
CA ASP F 105 41.28 -22.41 -26.36
C ASP F 105 40.13 -22.64 -27.33
N ILE F 106 39.82 -21.62 -28.14
CA ILE F 106 38.66 -21.69 -29.04
C ILE F 106 39.02 -22.57 -30.23
N THR F 107 38.35 -23.73 -30.33
CA THR F 107 38.51 -24.68 -31.43
C THR F 107 37.17 -24.85 -32.19
N ASP F 108 37.19 -25.66 -33.25
CA ASP F 108 36.00 -25.87 -34.11
C ASP F 108 34.75 -26.43 -33.41
N SER F 109 34.97 -27.30 -32.42
CA SER F 109 33.88 -27.94 -31.66
C SER F 109 33.97 -27.74 -30.13
N SER F 110 34.76 -26.75 -29.67
CA SER F 110 34.86 -26.47 -28.22
C SER F 110 35.33 -25.04 -27.89
N ILE F 111 34.81 -24.52 -26.77
CA ILE F 111 35.21 -23.23 -26.20
C ILE F 111 35.58 -23.46 -24.73
N GLY F 112 36.66 -22.80 -24.29
CA GLY F 112 37.10 -22.87 -22.90
C GLY F 112 36.83 -21.57 -22.16
N LEU F 113 36.52 -21.68 -20.88
CA LEU F 113 36.20 -20.53 -20.03
C LEU F 113 37.24 -20.42 -18.92
N ARG F 114 37.64 -19.20 -18.60
CA ARG F 114 38.55 -18.95 -17.46
C ARG F 114 38.16 -17.70 -16.67
N TRP F 115 38.34 -17.80 -15.35
CA TRP F 115 38.01 -16.73 -14.42
C TRP F 115 38.86 -16.81 -13.15
N THR F 116 38.72 -15.81 -12.29
CA THR F 116 39.32 -15.81 -10.96
C THR F 116 38.25 -16.24 -9.96
N PRO F 117 38.45 -17.40 -9.29
CA PRO F 117 37.52 -17.76 -8.23
C PRO F 117 37.53 -16.73 -7.10
N LEU F 118 36.35 -16.44 -6.55
CA LEU F 118 36.22 -15.44 -5.49
C LEU F 118 36.50 -16.10 -4.14
N ASN F 119 36.67 -15.26 -3.10
CA ASN F 119 36.95 -15.72 -1.73
C ASN F 119 35.73 -15.47 -0.84
N SER F 120 35.17 -16.56 -0.32
CA SER F 120 34.00 -16.53 0.56
C SER F 120 33.68 -17.97 0.97
N SER F 121 33.81 -18.30 2.25
CA SER F 121 33.37 -19.63 2.75
C SER F 121 31.97 -19.98 2.23
N THR F 122 31.07 -18.98 2.26
CA THR F 122 29.67 -19.12 1.84
C THR F 122 29.47 -19.74 0.44
N ILE F 123 30.42 -19.50 -0.47
CA ILE F 123 30.33 -20.03 -1.85
C ILE F 123 30.58 -21.54 -1.88
N ILE F 124 29.64 -22.28 -2.49
CA ILE F 124 29.76 -23.74 -2.66
C ILE F 124 30.40 -24.10 -4.00
N GLY F 125 30.04 -23.39 -5.06
CA GLY F 125 30.63 -23.59 -6.37
C GLY F 125 30.06 -22.67 -7.43
N TYR F 126 30.23 -23.06 -8.70
CA TYR F 126 29.75 -22.27 -9.85
C TYR F 126 28.94 -23.16 -10.79
N ARG F 127 27.82 -22.61 -11.29
CA ARG F 127 27.01 -23.26 -12.35
C ARG F 127 27.27 -22.61 -13.71
N ILE F 128 27.43 -23.45 -14.73
CA ILE F 128 27.74 -23.02 -16.07
C ILE F 128 26.56 -23.43 -16.95
N THR F 129 25.96 -22.43 -17.62
CA THR F 129 24.77 -22.63 -18.46
C THR F 129 25.12 -22.31 -19.91
N VAL F 130 24.85 -23.26 -20.81
CA VAL F 130 25.13 -23.11 -22.24
C VAL F 130 23.79 -23.13 -22.99
N VAL F 131 23.56 -22.09 -23.79
CA VAL F 131 22.30 -21.85 -24.51
C VAL F 131 22.63 -21.41 -25.93
N ALA F 132 21.87 -21.91 -26.90
CA ALA F 132 21.99 -21.45 -28.30
C ALA F 132 21.39 -20.05 -28.40
N ALA F 133 22.18 -19.09 -28.89
CA ALA F 133 21.78 -17.68 -28.88
C ALA F 133 20.65 -17.41 -29.84
N GLY F 134 20.04 -16.24 -29.72
CA GLY F 134 18.99 -15.81 -30.64
C GLY F 134 17.64 -16.36 -30.26
N GLU F 135 17.45 -17.67 -30.47
CA GLU F 135 16.23 -18.35 -30.01
C GLU F 135 16.28 -18.64 -28.51
N GLY F 136 17.48 -18.86 -27.97
CA GLY F 136 17.66 -19.13 -26.55
C GLY F 136 17.28 -20.56 -26.20
N ILE F 137 17.78 -21.51 -27.00
CA ILE F 137 17.47 -22.93 -26.82
C ILE F 137 18.48 -23.47 -25.80
N PRO F 138 17.99 -23.92 -24.62
CA PRO F 138 18.96 -24.44 -23.64
C PRO F 138 19.65 -25.73 -24.08
N ILE F 139 20.98 -25.78 -23.91
CA ILE F 139 21.78 -26.94 -24.29
C ILE F 139 22.08 -27.81 -23.06
N PHE F 140 22.85 -27.29 -22.10
CA PHE F 140 23.11 -28.02 -20.84
C PHE F 140 23.55 -27.14 -19.69
N GLU F 141 23.33 -27.64 -18.47
CA GLU F 141 23.89 -27.05 -17.26
C GLU F 141 24.98 -27.96 -16.73
N ASP F 142 25.87 -27.41 -15.91
CA ASP F 142 26.94 -28.20 -15.27
C ASP F 142 27.48 -27.48 -14.02
N PHE F 143 27.83 -28.26 -13.00
CA PHE F 143 28.29 -27.75 -11.69
C PHE F 143 29.81 -28.05 -11.53
N VAL F 144 30.53 -27.13 -10.90
CA VAL F 144 31.93 -27.32 -10.50
C VAL F 144 32.17 -26.64 -9.14
N ASP F 145 33.06 -27.19 -8.32
CA ASP F 145 33.27 -26.64 -6.96
C ASP F 145 34.05 -25.29 -6.94
N SER F 146 34.11 -24.66 -5.76
CA SER F 146 34.44 -23.22 -5.63
C SER F 146 35.88 -22.79 -5.93
N SER F 147 36.83 -23.72 -5.92
CA SER F 147 38.24 -23.41 -6.22
C SER F 147 38.62 -23.58 -7.71
N VAL F 148 37.70 -24.12 -8.52
CA VAL F 148 37.93 -24.34 -9.96
C VAL F 148 37.62 -23.05 -10.74
N GLY F 149 38.61 -22.55 -11.48
CA GLY F 149 38.46 -21.37 -12.34
C GLY F 149 38.65 -21.66 -13.83
N TYR F 150 38.25 -22.85 -14.27
CA TYR F 150 38.44 -23.29 -15.66
C TYR F 150 37.48 -24.41 -16.02
N TYR F 151 36.99 -24.36 -17.25
CA TYR F 151 36.03 -25.34 -17.77
C TYR F 151 36.10 -25.34 -19.30
N THR F 152 35.76 -26.47 -19.92
CA THR F 152 35.70 -26.62 -21.37
C THR F 152 34.30 -27.04 -21.80
N VAL F 153 33.65 -26.21 -22.61
CA VAL F 153 32.37 -26.55 -23.24
C VAL F 153 32.68 -27.35 -24.50
N THR F 154 32.21 -28.60 -24.53
CA THR F 154 32.50 -29.52 -25.64
C THR F 154 31.23 -29.93 -26.35
N GLY F 155 31.39 -30.47 -27.56
CA GLY F 155 30.28 -30.97 -28.37
C GLY F 155 29.41 -29.89 -28.98
N LEU F 156 30.03 -28.81 -29.44
CA LEU F 156 29.32 -27.71 -30.09
C LEU F 156 29.40 -27.84 -31.60
N GLU F 157 28.49 -27.12 -32.27
CA GLU F 157 28.50 -27.04 -33.73
C GLU F 157 29.31 -25.83 -34.19
N PRO F 158 30.02 -25.96 -35.34
CA PRO F 158 30.84 -24.86 -35.81
C PRO F 158 30.03 -23.76 -36.52
N GLY F 159 30.38 -22.52 -36.23
CA GLY F 159 29.73 -21.35 -36.83
C GLY F 159 28.39 -20.98 -36.23
N ILE F 160 28.01 -21.59 -35.11
CA ILE F 160 26.76 -21.27 -34.40
C ILE F 160 27.10 -20.43 -33.17
N ASP F 161 26.21 -19.50 -32.87
CA ASP F 161 26.38 -18.56 -31.76
C ASP F 161 25.76 -19.17 -30.49
N TYR F 162 26.54 -19.24 -29.42
CA TYR F 162 26.09 -19.80 -28.13
C TYR F 162 26.30 -18.76 -27.02
N ASP F 163 25.27 -18.55 -26.21
CA ASP F 163 25.33 -17.70 -25.02
C ASP F 163 25.74 -18.59 -23.85
N ILE F 164 26.89 -18.30 -23.25
CA ILE F 164 27.40 -19.07 -22.11
C ILE F 164 27.54 -18.13 -20.92
N SER F 165 27.06 -18.59 -19.76
CA SER F 165 27.07 -17.77 -18.54
C SER F 165 27.59 -18.57 -17.33
N VAL F 166 28.08 -17.83 -16.33
CA VAL F 166 28.64 -18.44 -15.11
C VAL F 166 28.07 -17.75 -13.85
N ILE F 167 27.35 -18.55 -13.05
CA ILE F 167 26.58 -18.07 -11.90
C ILE F 167 27.21 -18.52 -10.59
N THR F 168 27.38 -17.60 -9.64
CA THR F 168 28.03 -17.87 -8.34
C THR F 168 27.03 -18.48 -7.34
N LEU F 169 27.32 -19.68 -6.82
CA LEU F 169 26.37 -20.42 -5.97
C LEU F 169 26.69 -20.39 -4.45
N ILE F 170 25.72 -19.96 -3.65
CA ILE F 170 25.71 -20.22 -2.19
C ILE F 170 24.66 -21.29 -1.89
N ASN F 171 24.69 -21.79 -0.66
CA ASN F 171 23.75 -22.82 -0.23
C ASN F 171 22.34 -22.22 -0.09
N GLY F 172 21.53 -22.39 -1.12
CA GLY F 172 20.16 -21.86 -1.15
C GLY F 172 20.15 -20.40 -1.56
N GLY F 173 20.68 -20.14 -2.75
CA GLY F 173 20.77 -18.78 -3.27
C GLY F 173 21.79 -18.71 -4.39
N GLU F 174 21.77 -17.61 -5.15
CA GLU F 174 22.71 -17.41 -6.26
C GLU F 174 22.75 -15.97 -6.78
N SER F 175 23.79 -15.68 -7.54
CA SER F 175 23.97 -14.36 -8.17
C SER F 175 23.25 -14.33 -9.51
N ALA F 176 23.35 -13.18 -10.18
CA ALA F 176 22.90 -13.03 -11.55
C ALA F 176 23.96 -13.64 -12.48
N PRO F 177 23.57 -14.04 -13.71
CA PRO F 177 24.54 -14.67 -14.62
C PRO F 177 25.42 -13.65 -15.31
N THR F 178 26.72 -13.98 -15.43
CA THR F 178 27.68 -13.19 -16.19
C THR F 178 27.76 -13.82 -17.59
N THR F 179 26.96 -13.29 -18.52
CA THR F 179 26.78 -13.91 -19.83
C THR F 179 27.71 -13.33 -20.88
N LEU F 180 28.19 -14.20 -21.77
CA LEU F 180 28.94 -13.78 -22.96
C LEU F 180 28.62 -14.70 -24.14
N THR F 181 28.41 -14.09 -25.30
CA THR F 181 28.04 -14.79 -26.55
C THR F 181 29.31 -15.11 -27.31
N GLN F 182 29.41 -16.33 -27.86
CA GLN F 182 30.64 -16.75 -28.56
C GLN F 182 30.37 -17.78 -29.64
N GLN F 183 31.14 -17.68 -30.72
CA GLN F 183 31.08 -18.61 -31.82
C GLN F 183 32.34 -19.47 -31.80
N THR F 184 32.25 -20.67 -32.38
CA THR F 184 33.42 -21.58 -32.43
C THR F 184 34.42 -21.10 -33.48
N ALA F 185 35.60 -21.71 -33.47
CA ALA F 185 36.65 -21.36 -34.42
C ALA F 185 36.34 -21.82 -35.84
N VAL F 186 36.54 -20.92 -36.79
CA VAL F 186 36.51 -21.26 -38.19
C VAL F 186 37.83 -21.98 -38.47
N PRO F 187 37.77 -23.23 -38.97
CA PRO F 187 39.02 -23.97 -39.18
C PRO F 187 39.87 -23.35 -40.29
N PRO F 188 41.20 -23.25 -40.07
CA PRO F 188 42.06 -22.63 -41.09
C PRO F 188 42.33 -23.56 -42.28
N PRO F 189 42.85 -23.00 -43.39
CA PRO F 189 43.39 -23.86 -44.45
C PRO F 189 44.74 -24.44 -44.03
N THR F 190 45.07 -25.62 -44.57
CA THR F 190 46.28 -26.35 -44.16
C THR F 190 47.21 -26.62 -45.35
N ASP F 191 48.50 -26.80 -45.03
CA ASP F 191 49.54 -27.22 -45.98
C ASP F 191 49.71 -26.25 -47.18
N LEU F 192 50.38 -25.13 -46.91
CA LEU F 192 50.60 -24.08 -47.92
C LEU F 192 51.76 -24.45 -48.86
N ARG F 193 51.53 -24.28 -50.16
CA ARG F 193 52.55 -24.56 -51.20
C ARG F 193 52.72 -23.36 -52.14
N PHE F 194 53.89 -23.28 -52.77
CA PHE F 194 54.26 -22.18 -53.66
C PHE F 194 54.85 -22.72 -54.97
N THR F 195 54.01 -22.76 -56.00
CA THR F 195 54.37 -23.29 -57.32
C THR F 195 54.44 -22.15 -58.37
N ASN F 196 55.14 -22.42 -59.49
CA ASN F 196 55.28 -21.49 -60.62
C ASN F 196 55.90 -20.12 -60.25
N ILE F 197 57.13 -20.16 -59.75
CA ILE F 197 57.86 -18.98 -59.27
C ILE F 197 58.57 -18.25 -60.42
N GLY F 198 57.97 -17.16 -60.88
CA GLY F 198 58.59 -16.26 -61.85
C GLY F 198 59.23 -15.06 -61.15
N PRO F 199 59.77 -14.11 -61.94
CA PRO F 199 60.29 -12.87 -61.38
C PRO F 199 59.22 -11.85 -60.96
N ASP F 200 57.99 -11.97 -61.50
CA ASP F 200 56.84 -11.15 -61.05
C ASP F 200 55.56 -11.95 -60.72
N THR F 201 55.64 -13.29 -60.69
CA THR F 201 54.44 -14.13 -60.52
C THR F 201 54.71 -15.38 -59.67
N MET F 202 53.77 -15.72 -58.80
CA MET F 202 53.81 -16.97 -58.02
C MET F 202 52.39 -17.53 -57.85
N ARG F 203 52.28 -18.86 -57.86
CA ARG F 203 51.01 -19.55 -57.66
C ARG F 203 50.91 -20.12 -56.24
N VAL F 204 50.00 -19.57 -55.44
CA VAL F 204 49.76 -19.99 -54.06
C VAL F 204 48.66 -21.06 -54.06
N THR F 205 48.89 -22.16 -53.34
CA THR F 205 47.93 -23.27 -53.22
C THR F 205 47.81 -23.74 -51.76
N TRP F 206 46.60 -24.15 -51.37
CA TRP F 206 46.33 -24.64 -50.00
C TRP F 206 45.30 -25.76 -49.99
N ALA F 207 45.23 -26.47 -48.86
CA ALA F 207 44.21 -27.50 -48.64
C ALA F 207 43.08 -26.89 -47.82
N PRO F 208 41.86 -26.80 -48.39
CA PRO F 208 40.74 -26.28 -47.61
C PRO F 208 40.31 -27.20 -46.46
N PRO F 209 39.64 -26.65 -45.43
CA PRO F 209 39.02 -27.53 -44.45
C PRO F 209 37.93 -28.40 -45.11
N PRO F 210 38.07 -29.74 -45.03
CA PRO F 210 37.15 -30.62 -45.76
C PRO F 210 35.71 -30.53 -45.27
N SER F 211 34.77 -30.42 -46.21
CA SER F 211 33.32 -30.38 -45.91
C SER F 211 32.85 -29.21 -45.01
N ILE F 212 33.41 -28.02 -45.25
CA ILE F 212 33.08 -26.79 -44.50
C ILE F 212 32.64 -25.69 -45.49
N ASP F 213 31.52 -25.02 -45.18
CA ASP F 213 30.90 -24.03 -46.08
C ASP F 213 31.35 -22.60 -45.78
N LEU F 214 32.51 -22.22 -46.30
CA LEU F 214 33.04 -20.86 -46.13
C LEU F 214 32.37 -19.89 -47.10
N THR F 215 32.28 -18.61 -46.73
CA THR F 215 31.79 -17.57 -47.63
C THR F 215 32.85 -17.20 -48.66
N ASN F 216 34.10 -17.06 -48.22
CA ASN F 216 35.26 -16.84 -49.12
C ASN F 216 36.61 -17.19 -48.45
N PHE F 217 37.69 -17.10 -49.23
CA PHE F 217 39.07 -17.12 -48.71
C PHE F 217 39.69 -15.74 -48.90
N LEU F 218 40.48 -15.30 -47.92
CA LEU F 218 41.03 -13.94 -47.91
C LEU F 218 42.56 -13.93 -47.96
N VAL F 219 43.10 -13.92 -49.18
CA VAL F 219 44.55 -14.01 -49.40
C VAL F 219 45.19 -12.62 -49.26
N ARG F 220 46.15 -12.51 -48.34
CA ARG F 220 46.92 -11.28 -48.12
C ARG F 220 48.40 -11.49 -48.49
N TYR F 221 49.06 -10.42 -48.92
CA TYR F 221 50.52 -10.44 -49.17
C TYR F 221 51.16 -9.05 -49.19
N SER F 222 52.39 -9.00 -48.67
CA SER F 222 53.23 -7.80 -48.68
C SER F 222 54.70 -8.23 -48.67
N PRO F 223 55.64 -7.34 -49.09
CA PRO F 223 57.05 -7.67 -48.87
C PRO F 223 57.43 -7.74 -47.38
N VAL F 224 58.46 -8.53 -47.06
CA VAL F 224 58.99 -8.60 -45.70
C VAL F 224 59.60 -7.24 -45.32
N LYS F 225 60.32 -6.64 -46.27
CA LYS F 225 61.04 -5.37 -46.06
C LYS F 225 60.14 -4.12 -46.11
N ASN F 226 58.86 -4.31 -46.43
CA ASN F 226 57.83 -3.27 -46.30
C ASN F 226 56.46 -3.94 -46.08
N GLU F 227 56.19 -4.33 -44.83
CA GLU F 227 54.93 -4.97 -44.46
C GLU F 227 53.70 -4.02 -44.47
N GLU F 228 53.94 -2.73 -44.63
CA GLU F 228 52.87 -1.71 -44.62
C GLU F 228 52.01 -1.77 -45.89
N ASP F 229 52.68 -1.90 -47.05
CA ASP F 229 51.99 -2.04 -48.34
C ASP F 229 51.42 -3.46 -48.47
N VAL F 230 50.25 -3.66 -47.88
CA VAL F 230 49.53 -4.95 -47.90
C VAL F 230 48.46 -4.93 -48.98
N ALA F 231 48.40 -6.00 -49.77
CA ALA F 231 47.32 -6.25 -50.73
C ALA F 231 46.42 -7.36 -50.18
N GLU F 232 45.11 -7.24 -50.41
CA GLU F 232 44.11 -8.23 -49.98
C GLU F 232 43.32 -8.70 -51.19
N LEU F 233 43.27 -10.02 -51.43
CA LEU F 233 42.35 -10.60 -52.43
C LEU F 233 41.23 -11.39 -51.75
N SER F 234 40.06 -11.40 -52.39
CA SER F 234 38.89 -12.14 -51.89
C SER F 234 38.57 -13.30 -52.84
N ILE F 235 39.13 -14.47 -52.53
CA ILE F 235 39.06 -15.64 -53.40
C ILE F 235 37.79 -16.44 -53.12
N SER F 236 37.22 -17.02 -54.17
CA SER F 236 35.98 -17.82 -54.08
C SER F 236 36.18 -19.04 -53.18
N PRO F 237 35.11 -19.50 -52.48
CA PRO F 237 35.27 -20.60 -51.50
C PRO F 237 35.62 -21.96 -52.12
N SER F 238 34.91 -22.35 -53.19
CA SER F 238 35.20 -23.62 -53.87
C SER F 238 36.57 -23.67 -54.59
N ASP F 239 37.21 -22.51 -54.78
CA ASP F 239 38.62 -22.46 -55.23
C ASP F 239 39.55 -22.85 -54.10
N ASN F 240 40.79 -23.21 -54.45
CA ASN F 240 41.87 -23.41 -53.48
C ASN F 240 43.23 -22.91 -54.02
N ALA F 241 43.20 -21.89 -54.89
CA ALA F 241 44.43 -21.32 -55.47
C ALA F 241 44.20 -19.94 -56.09
N VAL F 242 45.28 -19.18 -56.23
CA VAL F 242 45.27 -17.89 -56.93
C VAL F 242 46.65 -17.59 -57.51
N VAL F 243 46.67 -16.89 -58.65
CA VAL F 243 47.91 -16.47 -59.32
C VAL F 243 48.21 -15.01 -58.99
N LEU F 244 49.17 -14.79 -58.08
CA LEU F 244 49.64 -13.43 -57.75
C LEU F 244 50.52 -12.92 -58.89
N THR F 245 50.37 -11.65 -59.25
CA THR F 245 51.09 -11.04 -60.39
C THR F 245 51.58 -9.61 -60.07
N ASN F 246 52.42 -9.07 -60.96
CA ASN F 246 53.04 -7.74 -60.82
C ASN F 246 53.81 -7.57 -59.50
N LEU F 247 54.62 -8.58 -59.17
CA LEU F 247 55.47 -8.59 -57.98
C LEU F 247 56.86 -8.06 -58.31
N LEU F 248 57.53 -7.52 -57.30
CA LEU F 248 58.88 -6.98 -57.46
C LEU F 248 59.88 -8.14 -57.48
N PRO F 249 60.76 -8.20 -58.50
CA PRO F 249 61.73 -9.29 -58.54
C PRO F 249 62.81 -9.17 -57.45
N GLY F 250 63.38 -10.30 -57.03
CA GLY F 250 64.42 -10.33 -56.00
C GLY F 250 63.94 -9.81 -54.66
N THR F 251 62.78 -10.28 -54.22
CA THR F 251 62.15 -9.83 -52.97
C THR F 251 61.48 -11.01 -52.28
N GLU F 252 61.45 -10.96 -50.94
CA GLU F 252 60.77 -11.96 -50.12
C GLU F 252 59.38 -11.44 -49.73
N TYR F 253 58.33 -12.24 -50.01
CA TYR F 253 56.92 -11.85 -49.76
C TYR F 253 56.30 -12.69 -48.61
N VAL F 254 55.47 -12.04 -47.77
CA VAL F 254 54.74 -12.73 -46.69
C VAL F 254 53.27 -12.95 -47.08
N VAL F 255 53.00 -14.14 -47.63
CA VAL F 255 51.65 -14.56 -48.02
C VAL F 255 50.96 -15.20 -46.82
N SER F 256 49.71 -14.79 -46.56
CA SER F 256 48.91 -15.28 -45.44
C SER F 256 47.44 -15.46 -45.83
N VAL F 257 47.00 -16.71 -45.92
CA VAL F 257 45.64 -17.08 -46.37
C VAL F 257 44.75 -17.44 -45.17
N SER F 258 43.64 -16.71 -44.99
CA SER F 258 42.62 -17.02 -43.97
C SER F 258 41.37 -17.58 -44.61
N SER F 259 40.64 -18.41 -43.88
CA SER F 259 39.28 -18.85 -44.26
C SER F 259 38.26 -17.91 -43.61
N VAL F 260 37.11 -17.71 -44.25
CA VAL F 260 36.11 -16.72 -43.80
C VAL F 260 34.69 -17.30 -43.82
N TYR F 261 33.92 -16.98 -42.78
CA TYR F 261 32.50 -17.34 -42.66
C TYR F 261 31.75 -16.20 -41.99
N GLU F 262 30.63 -15.77 -42.57
CA GLU F 262 29.98 -14.51 -42.23
C GLU F 262 31.07 -13.42 -42.20
N GLN F 263 31.35 -12.82 -41.04
CA GLN F 263 32.41 -11.82 -40.90
C GLN F 263 33.63 -12.35 -40.12
N HIS F 264 33.52 -13.54 -39.54
CA HIS F 264 34.57 -14.10 -38.69
C HIS F 264 35.54 -14.88 -39.55
N GLU F 265 36.83 -14.79 -39.24
CA GLU F 265 37.85 -15.55 -39.97
C GLU F 265 38.87 -16.28 -39.08
N SER F 266 39.54 -17.26 -39.67
CA SER F 266 40.40 -18.20 -38.96
C SER F 266 41.74 -17.58 -38.59
N THR F 267 42.57 -18.38 -37.94
CA THR F 267 43.99 -18.09 -37.81
C THR F 267 44.59 -18.16 -39.22
N PRO F 268 45.44 -17.18 -39.59
CA PRO F 268 45.96 -17.13 -40.95
C PRO F 268 47.03 -18.20 -41.25
N LEU F 269 46.84 -18.98 -42.32
CA LEU F 269 47.87 -19.91 -42.81
C LEU F 269 48.98 -19.11 -43.50
N ARG F 270 50.16 -19.05 -42.88
CA ARG F 270 51.22 -18.13 -43.29
C ARG F 270 52.49 -18.83 -43.80
N GLY F 271 53.15 -18.21 -44.78
CA GLY F 271 54.42 -18.73 -45.33
C GLY F 271 55.27 -17.64 -45.97
N ARG F 272 56.39 -18.05 -46.58
CA ARG F 272 57.30 -17.14 -47.27
C ARG F 272 57.89 -17.75 -48.54
N GLN F 273 57.89 -16.97 -49.62
CA GLN F 273 58.45 -17.36 -50.91
C GLN F 273 59.09 -16.14 -51.58
N LYS F 274 60.17 -16.37 -52.33
CA LYS F 274 60.91 -15.32 -53.02
C LYS F 274 60.62 -15.34 -54.53
N THR F 275 60.91 -14.22 -55.21
CA THR F 275 60.79 -14.11 -56.67
C THR F 275 62.15 -14.20 -57.37
N GLY F 276 62.15 -14.64 -58.61
CA GLY F 276 63.37 -14.89 -59.37
C GLY F 276 64.05 -13.65 -59.95
N SER F 277 64.89 -13.86 -60.97
CA SER F 277 65.64 -12.79 -61.60
C SER F 277 65.85 -13.07 -63.08
#